data_3TTM
#
_entry.id   3TTM
#
_cell.length_a   65.909
_cell.length_b   82.862
_cell.length_c   128.287
_cell.angle_alpha   90.00
_cell.angle_beta   90.00
_cell.angle_gamma   90.00
#
_symmetry.space_group_name_H-M   'P 21 21 21'
#
loop_
_entity.id
_entity.type
_entity.pdbx_description
1 polymer 'Polyamine transport protein'
2 non-polymer 1,4-DIAMINOBUTANE
3 water water
#
_entity_poly.entity_id   1
_entity_poly.type   'polypeptide(L)'
_entity_poly.pdbx_seq_one_letter_code
;GPLGSDNKVLHVYNWSDYIAPDTLEKFTKETGIKVVYDVYDSNEVLEAKLLAGKSGYDVVVPSNSFLAKQIKAGVYQKLD
KSKLPNWKNLNKDLMHTLEVSDPGNEHAIPYMWGTIGIGYNPDKVKAAFGDNAPVDSWDLVFKPENIQKLKQCGVSFLDS
PTEILPAALHYLGYKPDTDNPKELKAAEELFLKIRPYVTYFHSSKYISDLANGNICVAIGYSGDIYQAKSRAEEAKNKVT
VKYNIPKEGAGSFFDMVAIPKDAENTEGALAFVNFLMKPEIMAEITDVVQFPNGNAAATPLVSEAIRNDPGIYPSEEVMK
KLYTFPDLPAKTQRAMTRSWTKIKSG
;
_entity_poly.pdbx_strand_id   A,B
#
# COMPACT_ATOMS: atom_id res chain seq x y z
N ASP A 6 14.75 -13.94 -20.44
CA ASP A 6 13.84 -13.32 -21.46
C ASP A 6 14.01 -11.80 -21.46
N ASN A 7 14.75 -11.31 -22.45
CA ASN A 7 15.05 -9.89 -22.52
C ASN A 7 13.84 -9.03 -22.85
N LYS A 8 12.65 -9.64 -22.90
CA LYS A 8 11.44 -8.89 -23.20
C LYS A 8 10.57 -8.64 -21.95
N VAL A 9 11.18 -8.84 -20.78
CA VAL A 9 10.52 -8.49 -19.53
C VAL A 9 11.50 -7.69 -18.71
N LEU A 10 11.01 -6.64 -18.06
CA LEU A 10 11.85 -5.79 -17.24
C LEU A 10 11.23 -5.58 -15.86
N HIS A 11 12.05 -5.71 -14.83
CA HIS A 11 11.58 -5.58 -13.46
C HIS A 11 12.12 -4.28 -12.88
N VAL A 12 11.22 -3.38 -12.53
CA VAL A 12 11.61 -2.03 -12.10
C VAL A 12 11.10 -1.80 -10.70
N TYR A 13 11.90 -1.18 -9.85
CA TYR A 13 11.47 -0.81 -8.50
C TYR A 13 11.74 0.67 -8.38
N ASN A 14 10.70 1.49 -8.21
CA ASN A 14 10.89 2.95 -8.22
C ASN A 14 10.07 3.54 -7.10
N TRP A 15 10.22 4.83 -6.84
CA TRP A 15 9.34 5.48 -5.86
C TRP A 15 7.90 5.40 -6.33
N SER A 16 6.96 5.28 -5.39
CA SER A 16 5.55 5.50 -5.71
C SER A 16 5.31 6.95 -6.17
N ASP A 17 4.19 7.18 -6.86
CA ASP A 17 3.82 8.52 -7.30
C ASP A 17 5.00 9.24 -7.95
N TYR A 18 5.57 8.62 -8.99
CA TYR A 18 6.84 9.08 -9.56
C TYR A 18 7.03 8.68 -11.03
N ILE A 19 5.92 8.54 -11.74
CA ILE A 19 5.94 8.23 -13.16
C ILE A 19 4.60 8.71 -13.74
N ALA A 20 4.51 8.89 -15.05
CA ALA A 20 3.24 9.25 -15.70
C ALA A 20 2.46 7.96 -15.98
N PRO A 21 1.13 8.05 -16.08
CA PRO A 21 0.34 6.81 -16.20
C PRO A 21 0.49 6.10 -17.55
N ASP A 22 1.10 6.74 -18.54
CA ASP A 22 1.33 6.07 -19.84
C ASP A 22 2.82 5.88 -20.18
N THR A 23 3.71 6.18 -19.22
CA THR A 23 5.13 6.04 -19.50
C THR A 23 5.50 4.60 -19.90
N LEU A 24 5.08 3.62 -19.09
CA LEU A 24 5.45 2.25 -19.39
C LEU A 24 4.76 1.75 -20.68
N GLU A 25 3.51 2.12 -20.88
CA GLU A 25 2.80 1.68 -22.08
C GLU A 25 3.60 2.15 -23.29
N LYS A 26 4.09 3.39 -23.26
CA LYS A 26 4.84 3.93 -24.40
C LYS A 26 6.21 3.29 -24.56
N PHE A 27 6.82 2.91 -23.45
CA PHE A 27 8.11 2.24 -23.51
C PHE A 27 7.97 0.87 -24.16
N THR A 28 6.90 0.16 -23.80
CA THR A 28 6.68 -1.17 -24.31
C THR A 28 6.31 -1.10 -25.80
N LYS A 29 5.50 -0.12 -26.14
CA LYS A 29 5.13 0.16 -27.52
C LYS A 29 6.37 0.37 -28.39
N GLU A 30 7.35 1.10 -27.86
CA GLU A 30 8.57 1.35 -28.59
C GLU A 30 9.48 0.11 -28.66
N THR A 31 9.50 -0.69 -27.59
CA THR A 31 10.56 -1.69 -27.46
C THR A 31 10.07 -3.14 -27.47
N GLY A 32 8.81 -3.36 -27.17
CA GLY A 32 8.27 -4.72 -27.00
C GLY A 32 8.65 -5.32 -25.65
N ILE A 33 9.27 -4.53 -24.79
CA ILE A 33 9.68 -5.03 -23.47
C ILE A 33 8.61 -4.71 -22.46
N LYS A 34 7.97 -5.75 -21.92
CA LYS A 34 6.97 -5.56 -20.88
C LYS A 34 7.67 -5.20 -19.58
N VAL A 35 7.02 -4.39 -18.75
CA VAL A 35 7.61 -3.98 -17.49
C VAL A 35 6.74 -4.44 -16.32
N VAL A 36 7.38 -5.07 -15.35
CA VAL A 36 6.78 -5.35 -14.03
C VAL A 36 7.29 -4.21 -13.14
N TYR A 37 6.37 -3.43 -12.62
CA TYR A 37 6.73 -2.15 -11.99
C TYR A 37 6.26 -2.19 -10.57
N ASP A 38 7.19 -2.17 -9.63
CA ASP A 38 6.90 -2.16 -8.20
C ASP A 38 7.34 -0.84 -7.59
N VAL A 39 6.73 -0.45 -6.48
CA VAL A 39 7.04 0.86 -5.92
C VAL A 39 7.37 0.78 -4.41
N TYR A 40 8.18 1.73 -3.92
CA TYR A 40 8.52 1.86 -2.51
C TYR A 40 8.35 3.35 -2.11
N ASP A 41 8.40 3.65 -0.82
CA ASP A 41 8.33 5.04 -0.39
C ASP A 41 9.50 5.41 0.54
N SER A 42 10.53 4.59 0.54
CA SER A 42 11.73 4.90 1.30
C SER A 42 12.98 4.28 0.71
N ASN A 43 14.11 4.95 0.90
CA ASN A 43 15.40 4.37 0.59
C ASN A 43 15.74 3.13 1.41
N GLU A 44 15.26 3.08 2.64
CA GLU A 44 15.61 1.97 3.53
C GLU A 44 15.09 0.63 2.99
N VAL A 45 13.88 0.64 2.47
CA VAL A 45 13.30 -0.56 1.90
C VAL A 45 14.08 -1.01 0.68
N LEU A 46 14.45 -0.05 -0.17
CA LEU A 46 15.24 -0.41 -1.35
C LEU A 46 16.60 -0.91 -0.90
N GLU A 47 17.20 -0.19 0.04
CA GLU A 47 18.55 -0.54 0.55
C GLU A 47 18.58 -2.00 1.03
N ALA A 48 17.61 -2.37 1.85
CA ALA A 48 17.61 -3.72 2.43
C ALA A 48 17.57 -4.80 1.32
N LYS A 49 16.69 -4.58 0.35
CA LYS A 49 16.62 -5.44 -0.85
C LYS A 49 17.96 -5.60 -1.57
N LEU A 50 18.58 -4.47 -1.89
CA LEU A 50 19.83 -4.47 -2.60
C LEU A 50 20.95 -5.19 -1.84
N LEU A 51 21.14 -4.85 -0.56
CA LEU A 51 22.25 -5.38 0.21
C LEU A 51 22.16 -6.90 0.37
N ALA A 52 20.95 -7.39 0.59
CA ALA A 52 20.68 -8.83 0.66
C ALA A 52 21.08 -9.55 -0.62
N GLY A 53 21.10 -8.83 -1.73
CA GLY A 53 21.56 -9.40 -3.02
C GLY A 53 20.46 -10.14 -3.76
N LYS A 54 20.66 -10.34 -5.06
CA LYS A 54 19.65 -10.95 -5.92
C LYS A 54 18.28 -10.36 -5.68
N SER A 55 18.12 -9.06 -5.89
CA SER A 55 16.85 -8.37 -5.59
C SER A 55 15.74 -8.73 -6.55
N GLY A 56 16.09 -9.24 -7.72
CA GLY A 56 15.09 -9.52 -8.75
C GLY A 56 14.68 -8.29 -9.54
N TYR A 57 15.45 -7.21 -9.47
CA TYR A 57 15.16 -6.00 -10.23
C TYR A 57 16.29 -5.68 -11.16
N ASP A 58 15.93 -5.18 -12.32
CA ASP A 58 16.91 -4.79 -13.32
C ASP A 58 17.22 -3.30 -13.23
N VAL A 59 16.28 -2.54 -12.66
CA VAL A 59 16.39 -1.07 -12.56
C VAL A 59 15.83 -0.64 -11.21
N VAL A 60 16.56 0.22 -10.50
CA VAL A 60 16.07 0.73 -9.23
C VAL A 60 16.43 2.21 -9.14
N VAL A 61 15.85 2.94 -8.18
CA VAL A 61 16.00 4.39 -8.17
C VAL A 61 16.28 4.88 -6.74
N PRO A 62 17.52 4.73 -6.27
CA PRO A 62 17.83 5.24 -4.94
C PRO A 62 18.01 6.78 -4.96
N SER A 63 17.87 7.44 -3.81
CA SER A 63 18.29 8.84 -3.70
C SER A 63 19.84 8.90 -3.74
N ASN A 64 20.40 10.08 -4.08
CA ASN A 64 21.84 10.22 -4.34
C ASN A 64 22.68 9.97 -3.09
N SER A 65 22.10 10.24 -1.92
CA SER A 65 22.82 9.96 -0.68
C SER A 65 23.09 8.47 -0.55
N PHE A 66 22.13 7.66 -0.94
CA PHE A 66 22.23 6.21 -0.80
C PHE A 66 23.00 5.59 -1.96
N LEU A 67 22.81 6.17 -3.14
CA LEU A 67 23.56 5.76 -4.34
C LEU A 67 25.07 5.76 -4.12
N ALA A 68 25.57 6.83 -3.49
CA ALA A 68 26.99 6.99 -3.26
C ALA A 68 27.52 5.83 -2.42
N LYS A 69 26.75 5.47 -1.40
CA LYS A 69 27.11 4.39 -0.49
C LYS A 69 26.97 3.01 -1.15
N GLN A 70 25.91 2.84 -1.93
CA GLN A 70 25.68 1.56 -2.64
C GLN A 70 26.72 1.31 -3.71
N ILE A 71 27.22 2.37 -4.32
CA ILE A 71 28.27 2.23 -5.32
C ILE A 71 29.57 1.72 -4.66
N LYS A 72 29.96 2.35 -3.56
CA LYS A 72 31.13 1.89 -2.84
C LYS A 72 30.98 0.45 -2.39
N ALA A 73 29.74 0.04 -2.10
CA ALA A 73 29.46 -1.33 -1.67
C ALA A 73 29.40 -2.33 -2.83
N GLY A 74 29.60 -1.83 -4.04
CA GLY A 74 29.60 -2.67 -5.25
C GLY A 74 28.23 -3.22 -5.66
N VAL A 75 27.18 -2.44 -5.42
CA VAL A 75 25.81 -2.88 -5.73
C VAL A 75 25.48 -2.81 -7.22
N TYR A 76 26.07 -1.83 -7.91
CA TYR A 76 25.63 -1.47 -9.27
C TYR A 76 26.68 -1.74 -10.33
N GLN A 77 26.22 -2.02 -11.55
CA GLN A 77 27.13 -2.12 -12.68
C GLN A 77 27.28 -0.78 -13.35
N LYS A 78 28.46 -0.57 -13.94
CA LYS A 78 28.74 0.57 -14.80
C LYS A 78 27.85 0.55 -16.03
N LEU A 79 27.26 1.70 -16.35
CA LEU A 79 26.39 1.81 -17.52
C LEU A 79 27.15 1.70 -18.86
N ASP A 80 26.65 0.89 -19.77
CA ASP A 80 27.25 0.88 -21.12
C ASP A 80 26.71 2.10 -21.86
N LYS A 81 27.50 3.16 -21.94
CA LYS A 81 26.99 4.45 -22.45
C LYS A 81 26.75 4.48 -23.97
N SER A 82 27.27 3.48 -24.67
CA SER A 82 27.02 3.34 -26.10
C SER A 82 25.58 2.91 -26.35
N LYS A 83 24.89 2.47 -25.29
CA LYS A 83 23.51 2.05 -25.44
C LYS A 83 22.56 3.15 -24.96
N LEU A 84 23.13 4.32 -24.65
CA LEU A 84 22.39 5.46 -24.11
C LEU A 84 22.60 6.74 -24.94
N PRO A 85 22.15 6.73 -26.21
CA PRO A 85 22.39 7.88 -27.08
C PRO A 85 21.71 9.17 -26.55
N ASN A 86 20.66 9.02 -25.75
CA ASN A 86 19.96 10.18 -25.21
C ASN A 86 20.67 10.92 -24.06
N TRP A 87 21.82 10.39 -23.65
CA TRP A 87 22.61 10.97 -22.58
C TRP A 87 22.87 12.44 -22.81
N LYS A 88 22.97 12.81 -24.08
CA LYS A 88 23.22 14.20 -24.47
C LYS A 88 22.18 15.16 -23.90
N ASN A 89 21.00 14.63 -23.55
CA ASN A 89 19.90 15.50 -23.09
C ASN A 89 20.01 15.92 -21.62
N LEU A 90 20.89 15.25 -20.86
CA LEU A 90 21.03 15.54 -19.42
C LEU A 90 21.65 16.91 -19.19
N ASN A 91 21.16 17.62 -18.18
CA ASN A 91 21.76 18.86 -17.73
C ASN A 91 23.21 18.57 -17.31
N LYS A 92 24.19 19.05 -18.08
CA LYS A 92 25.59 18.71 -17.81
C LYS A 92 26.07 19.32 -16.51
N ASP A 93 25.48 20.43 -16.09
CA ASP A 93 25.94 21.07 -14.87
C ASP A 93 25.52 20.22 -13.68
N LEU A 94 24.31 19.69 -13.75
CA LEU A 94 23.84 18.76 -12.74
C LEU A 94 24.72 17.50 -12.76
N MET A 95 25.01 16.97 -13.95
CA MET A 95 25.84 15.76 -14.01
C MET A 95 27.19 15.97 -13.35
N HIS A 96 27.73 17.19 -13.47
CA HIS A 96 29.01 17.52 -12.83
C HIS A 96 28.90 17.46 -11.30
N THR A 97 27.84 18.02 -10.74
CA THR A 97 27.71 18.01 -9.30
C THR A 97 27.56 16.56 -8.79
N LEU A 98 26.86 15.73 -9.57
CA LEU A 98 26.63 14.33 -9.20
C LEU A 98 27.91 13.46 -9.27
N GLU A 99 28.96 13.95 -9.92
CA GLU A 99 30.23 13.20 -9.98
C GLU A 99 30.79 12.83 -8.60
N VAL A 100 30.53 13.65 -7.59
CA VAL A 100 31.02 13.38 -6.24
C VAL A 100 30.44 12.04 -5.76
N SER A 101 29.16 11.85 -6.00
CA SER A 101 28.50 10.63 -5.58
C SER A 101 28.86 9.48 -6.51
N ASP A 102 28.93 9.79 -7.81
CA ASP A 102 29.16 8.78 -8.83
C ASP A 102 30.30 9.22 -9.77
N PRO A 103 31.55 8.99 -9.35
CA PRO A 103 32.67 9.44 -10.20
C PRO A 103 32.48 9.08 -11.68
N GLY A 104 32.75 10.05 -12.56
CA GLY A 104 32.60 9.87 -14.00
C GLY A 104 31.18 9.59 -14.45
N ASN A 105 30.19 9.85 -13.57
CA ASN A 105 28.80 9.43 -13.82
C ASN A 105 28.74 8.04 -14.45
N GLU A 106 29.37 7.07 -13.80
CA GLU A 106 29.51 5.75 -14.37
C GLU A 106 28.33 4.82 -14.14
N HIS A 107 27.50 5.10 -13.14
CA HIS A 107 26.48 4.14 -12.74
C HIS A 107 25.04 4.58 -12.89
N ALA A 108 24.79 5.89 -12.97
CA ALA A 108 23.41 6.35 -12.84
C ALA A 108 23.09 7.65 -13.54
N ILE A 109 21.81 7.88 -13.79
CA ILE A 109 21.36 9.16 -14.29
C ILE A 109 20.34 9.81 -13.35
N PRO A 110 20.31 11.15 -13.31
CA PRO A 110 19.31 11.79 -12.46
C PRO A 110 17.92 11.62 -13.07
N TYR A 111 16.98 11.15 -12.25
CA TYR A 111 15.59 10.95 -12.68
C TYR A 111 14.81 12.23 -12.42
N MET A 112 14.51 12.49 -11.15
CA MET A 112 13.91 13.74 -10.72
C MET A 112 14.55 14.12 -9.40
N TRP A 113 14.32 15.35 -8.95
CA TRP A 113 14.83 15.82 -7.66
C TRP A 113 13.77 16.75 -7.05
N GLY A 114 14.00 17.22 -5.84
CA GLY A 114 13.05 18.12 -5.21
C GLY A 114 13.45 18.54 -3.81
N THR A 115 12.52 19.17 -3.10
CA THR A 115 12.82 19.65 -1.77
C THR A 115 11.93 18.97 -0.75
N ILE A 116 12.30 19.13 0.52
CA ILE A 116 11.48 18.65 1.60
C ILE A 116 11.06 19.90 2.35
N GLY A 117 9.77 20.18 2.34
CA GLY A 117 9.32 21.44 2.93
C GLY A 117 7.92 21.34 3.46
N ILE A 118 7.25 22.49 3.52
CA ILE A 118 5.99 22.57 4.22
C ILE A 118 4.80 22.54 3.27
N GLY A 119 4.06 21.42 3.28
CA GLY A 119 2.79 21.34 2.57
C GLY A 119 1.72 21.67 3.60
N TYR A 120 0.74 22.49 3.25
CA TYR A 120 -0.30 22.83 4.21
C TYR A 120 -1.63 23.25 3.58
N ASN A 121 -2.69 23.11 4.39
CA ASN A 121 -4.06 23.54 4.08
C ASN A 121 -4.29 24.88 4.79
N PRO A 122 -4.27 25.99 4.04
CA PRO A 122 -4.33 27.34 4.62
C PRO A 122 -5.56 27.59 5.49
N ASP A 123 -6.74 27.15 5.04
CA ASP A 123 -7.94 27.38 5.83
C ASP A 123 -7.87 26.64 7.16
N LYS A 124 -7.40 25.40 7.15
CA LYS A 124 -7.37 24.61 8.38
C LYS A 124 -6.31 25.13 9.34
N VAL A 125 -5.20 25.60 8.79
CA VAL A 125 -4.15 26.16 9.62
C VAL A 125 -4.66 27.42 10.31
N LYS A 126 -5.32 28.29 9.55
CA LYS A 126 -5.86 29.52 10.15
C LYS A 126 -6.82 29.20 11.29
N ALA A 127 -7.77 28.30 11.04
CA ALA A 127 -8.75 27.90 12.07
C ALA A 127 -8.10 27.32 13.31
N ALA A 128 -7.01 26.56 13.12
CA ALA A 128 -6.32 25.92 14.23
C ALA A 128 -5.29 26.85 14.86
N PHE A 129 -4.60 27.64 14.03
CA PHE A 129 -3.51 28.47 14.53
C PHE A 129 -3.92 29.86 15.00
N GLY A 130 -4.90 30.45 14.31
CA GLY A 130 -5.13 31.90 14.39
C GLY A 130 -4.60 32.52 13.11
N ASP A 131 -4.76 33.84 12.95
CA ASP A 131 -4.35 34.52 11.70
C ASP A 131 -2.83 34.54 11.56
N ASN A 132 -2.35 34.61 10.33
CA ASN A 132 -0.92 34.83 10.04
C ASN A 132 0.04 33.79 10.63
N ALA A 133 -0.34 32.52 10.55
CA ALA A 133 0.58 31.46 10.95
C ALA A 133 1.85 31.58 10.08
N PRO A 134 3.03 31.31 10.66
CA PRO A 134 4.31 31.42 9.95
C PRO A 134 4.52 30.23 8.99
N VAL A 135 3.61 30.08 8.04
CA VAL A 135 3.60 28.92 7.16
C VAL A 135 4.76 28.91 6.16
N ASP A 136 5.55 29.98 6.16
CA ASP A 136 6.73 30.09 5.31
C ASP A 136 8.01 29.89 6.11
N SER A 137 7.89 29.31 7.31
CA SER A 137 9.04 29.17 8.18
C SER A 137 9.05 27.81 8.88
N TRP A 138 10.25 27.25 9.08
CA TRP A 138 10.38 26.03 9.86
C TRP A 138 9.87 26.20 11.28
N ASP A 139 9.74 27.45 11.74
CA ASP A 139 9.16 27.70 13.06
C ASP A 139 7.76 27.15 13.16
N LEU A 140 7.09 27.02 12.01
CA LEU A 140 5.76 26.44 12.00
C LEU A 140 5.68 25.10 12.74
N VAL A 141 6.70 24.26 12.56
CA VAL A 141 6.66 22.93 13.17
C VAL A 141 7.71 22.64 14.24
N PHE A 142 8.78 23.43 14.30
CA PHE A 142 9.87 23.11 15.23
C PHE A 142 9.82 23.97 16.49
N LYS A 143 8.86 24.88 16.52
CA LYS A 143 8.53 25.61 17.74
C LYS A 143 7.36 24.91 18.44
N PRO A 144 7.62 24.32 19.61
CA PRO A 144 6.58 23.53 20.28
C PRO A 144 5.24 24.23 20.43
N GLU A 145 5.22 25.52 20.83
CA GLU A 145 3.95 26.25 20.97
C GLU A 145 3.19 26.30 19.64
N ASN A 146 3.93 26.30 18.53
CA ASN A 146 3.30 26.39 17.21
C ASN A 146 2.68 25.09 16.76
N ILE A 147 3.46 24.02 16.79
CA ILE A 147 2.95 22.75 16.33
C ILE A 147 1.83 22.29 17.27
N GLN A 148 1.91 22.72 18.52
CA GLN A 148 0.85 22.39 19.47
C GLN A 148 -0.53 22.88 19.00
N LYS A 149 -0.59 24.07 18.40
CA LYS A 149 -1.86 24.56 17.87
C LYS A 149 -2.37 23.70 16.71
N LEU A 150 -1.45 23.13 15.93
CA LEU A 150 -1.80 22.33 14.74
C LEU A 150 -2.16 20.87 15.04
N LYS A 151 -1.83 20.42 16.24
CA LYS A 151 -2.11 19.05 16.64
C LYS A 151 -3.57 18.75 16.33
N GLN A 152 -4.38 19.80 16.43
CA GLN A 152 -5.82 19.74 16.18
C GLN A 152 -6.19 19.26 14.77
N CYS A 153 -5.56 19.80 13.74
CA CYS A 153 -5.91 19.37 12.38
C CYS A 153 -4.92 18.34 11.79
N GLY A 154 -3.86 18.01 12.52
CA GLY A 154 -2.92 16.98 12.11
C GLY A 154 -1.68 17.46 11.36
N VAL A 155 -0.52 17.06 11.86
CA VAL A 155 0.77 17.36 11.27
C VAL A 155 1.54 16.04 11.07
N SER A 156 2.00 15.80 9.84
CA SER A 156 2.82 14.62 9.54
C SER A 156 4.24 15.02 9.14
N PHE A 157 5.17 14.11 9.38
CA PHE A 157 6.52 14.18 8.84
C PHE A 157 6.76 12.88 8.07
N LEU A 158 7.67 12.93 7.10
CA LEU A 158 8.21 11.72 6.46
C LEU A 158 8.73 10.71 7.45
N ASP A 159 8.58 9.43 7.12
CA ASP A 159 9.29 8.37 7.85
C ASP A 159 10.62 8.19 7.15
N SER A 160 11.50 9.16 7.35
CA SER A 160 12.80 9.19 6.70
C SER A 160 13.82 9.90 7.58
N PRO A 161 14.49 9.14 8.44
CA PRO A 161 15.39 9.77 9.39
C PRO A 161 16.52 10.52 8.69
N THR A 162 17.02 10.02 7.57
CA THR A 162 18.20 10.67 7.01
C THR A 162 17.86 11.98 6.33
N GLU A 163 16.58 12.24 6.13
CA GLU A 163 16.16 13.48 5.48
C GLU A 163 15.47 14.42 6.48
N ILE A 164 14.87 13.86 7.52
CA ILE A 164 14.14 14.71 8.49
C ILE A 164 15.03 15.21 9.63
N LEU A 165 15.89 14.37 10.17
CA LEU A 165 16.74 14.84 11.27
C LEU A 165 17.65 15.99 10.80
N PRO A 166 18.09 15.97 9.53
CA PRO A 166 18.82 17.17 9.10
C PRO A 166 17.98 18.46 9.08
N ALA A 167 16.65 18.36 8.93
CA ALA A 167 15.83 19.58 9.02
C ALA A 167 15.90 20.14 10.45
N ALA A 168 15.86 19.23 11.42
CA ALA A 168 16.03 19.61 12.81
C ALA A 168 17.41 20.23 13.06
N LEU A 169 18.45 19.55 12.58
CA LEU A 169 19.81 20.05 12.66
C LEU A 169 19.90 21.47 12.12
N HIS A 170 19.45 21.65 10.87
CA HIS A 170 19.42 22.95 10.21
C HIS A 170 18.72 23.97 11.12
N TYR A 171 17.55 23.61 11.62
CA TYR A 171 16.75 24.50 12.43
C TYR A 171 17.52 24.97 13.66
N LEU A 172 18.28 24.05 14.25
CA LEU A 172 19.09 24.37 15.43
C LEU A 172 20.35 25.15 15.08
N GLY A 173 20.58 25.42 13.80
CA GLY A 173 21.77 26.17 13.39
C GLY A 173 23.04 25.35 13.17
N TYR A 174 22.90 24.03 13.15
CA TYR A 174 24.04 23.12 12.89
C TYR A 174 24.12 22.79 11.41
N LYS A 175 25.25 22.28 10.94
CA LYS A 175 25.34 21.90 9.53
C LYS A 175 24.45 20.66 9.37
N PRO A 176 23.74 20.58 8.24
CA PRO A 176 22.82 19.43 8.12
C PRO A 176 23.55 18.12 7.86
N ASP A 177 24.86 18.19 7.62
CA ASP A 177 25.66 16.97 7.45
C ASP A 177 26.64 16.73 8.60
N THR A 178 26.37 17.34 9.76
CA THR A 178 27.25 17.16 10.92
C THR A 178 27.27 15.71 11.41
N ASP A 179 28.44 15.30 11.93
CA ASP A 179 28.66 13.97 12.50
C ASP A 179 28.89 14.10 14.01
N ASN A 180 28.79 15.33 14.52
CA ASN A 180 29.02 15.60 15.91
C ASN A 180 27.92 15.03 16.78
N PRO A 181 28.28 14.11 17.68
CA PRO A 181 27.30 13.37 18.48
C PRO A 181 26.40 14.24 19.34
N LYS A 182 26.94 15.37 19.83
CA LYS A 182 26.12 16.28 20.63
C LYS A 182 25.08 17.02 19.77
N GLU A 183 25.46 17.40 18.57
CA GLU A 183 24.48 18.06 17.70
C GLU A 183 23.35 17.10 17.30
N LEU A 184 23.73 15.88 16.91
CA LEU A 184 22.80 14.83 16.53
C LEU A 184 21.82 14.55 17.66
N LYS A 185 22.34 14.48 18.87
CA LYS A 185 21.51 14.27 20.04
C LYS A 185 20.56 15.44 20.27
N ALA A 186 21.03 16.66 20.02
CA ALA A 186 20.18 17.86 20.14
C ALA A 186 19.00 17.81 19.17
N ALA A 187 19.26 17.29 17.97
CA ALA A 187 18.22 17.11 16.98
C ALA A 187 17.18 16.14 17.52
N GLU A 188 17.63 15.09 18.19
CA GLU A 188 16.68 14.13 18.74
C GLU A 188 15.81 14.75 19.84
N GLU A 189 16.45 15.57 20.68
CA GLU A 189 15.75 16.20 21.80
C GLU A 189 14.71 17.20 21.26
N LEU A 190 15.05 17.90 20.19
CA LEU A 190 14.10 18.81 19.58
C LEU A 190 12.88 18.03 19.13
N PHE A 191 13.09 16.89 18.48
CA PHE A 191 11.97 16.11 17.98
C PHE A 191 11.11 15.55 19.10
N LEU A 192 11.76 15.12 20.18
CA LEU A 192 11.01 14.60 21.32
C LEU A 192 10.08 15.64 21.88
N LYS A 193 10.50 16.91 21.82
CA LYS A 193 9.67 18.02 22.31
C LYS A 193 8.46 18.25 21.42
N ILE A 194 8.61 18.07 20.11
CA ILE A 194 7.46 18.30 19.24
C ILE A 194 6.67 17.04 18.97
N ARG A 195 7.20 15.91 19.41
CA ARG A 195 6.62 14.64 19.00
C ARG A 195 5.16 14.44 19.43
N PRO A 196 4.79 14.92 20.62
CA PRO A 196 3.41 14.71 21.07
C PRO A 196 2.40 15.35 20.13
N TYR A 197 2.87 16.24 19.27
CA TYR A 197 1.97 16.94 18.36
C TYR A 197 2.07 16.47 16.92
N VAL A 198 2.75 15.36 16.71
CA VAL A 198 2.85 14.76 15.37
C VAL A 198 1.89 13.60 15.26
N THR A 199 1.00 13.62 14.27
CA THR A 199 0.00 12.55 14.13
C THR A 199 0.61 11.24 13.63
N TYR A 200 1.49 11.34 12.65
CA TYR A 200 2.24 10.15 12.26
C TYR A 200 3.48 10.51 11.46
N PHE A 201 4.38 9.54 11.36
CA PHE A 201 5.54 9.61 10.49
C PHE A 201 5.26 8.63 9.36
N HIS A 202 5.10 9.15 8.15
CA HIS A 202 4.88 8.26 7.01
C HIS A 202 5.34 8.93 5.73
N SER A 203 5.89 8.15 4.82
CA SER A 203 6.45 8.71 3.60
C SER A 203 5.57 8.71 2.35
N SER A 204 4.31 8.28 2.45
CA SER A 204 3.42 8.32 1.29
C SER A 204 1.96 8.59 1.64
N LYS A 205 1.53 8.10 2.80
CA LYS A 205 0.14 8.22 3.23
C LYS A 205 -0.31 9.68 3.30
N TYR A 206 0.64 10.60 3.51
CA TYR A 206 0.32 12.02 3.63
C TYR A 206 -0.26 12.70 2.39
N ILE A 207 -0.09 12.09 1.22
CA ILE A 207 -0.61 12.70 0.00
C ILE A 207 -2.14 12.70 0.05
N SER A 208 -2.73 11.52 0.27
CA SER A 208 -4.18 11.42 0.34
C SER A 208 -4.76 12.19 1.53
N ASP A 209 -4.15 12.04 2.69
CA ASP A 209 -4.63 12.75 3.87
C ASP A 209 -4.62 14.23 3.66
N LEU A 210 -3.56 14.73 3.04
CA LEU A 210 -3.46 16.18 2.80
C LEU A 210 -4.52 16.64 1.79
N ALA A 211 -4.71 15.84 0.74
CA ALA A 211 -5.66 16.15 -0.34
C ALA A 211 -7.12 16.10 0.12
N ASN A 212 -7.38 15.18 1.04
CA ASN A 212 -8.70 14.89 1.59
C ASN A 212 -9.06 15.76 2.79
N GLY A 213 -8.10 16.51 3.32
CA GLY A 213 -8.36 17.36 4.47
C GLY A 213 -8.20 16.66 5.82
N ASN A 214 -7.67 15.45 5.81
CA ASN A 214 -7.44 14.69 7.04
C ASN A 214 -6.30 15.26 7.92
N ILE A 215 -5.34 15.93 7.30
CA ILE A 215 -4.29 16.59 8.03
C ILE A 215 -4.17 17.98 7.45
N CYS A 216 -3.51 18.89 8.17
CA CYS A 216 -3.41 20.26 7.72
C CYS A 216 -1.99 20.70 7.39
N VAL A 217 -1.00 19.93 7.86
CA VAL A 217 0.41 20.17 7.54
C VAL A 217 1.13 18.83 7.32
N ALA A 218 1.87 18.72 6.22
CA ALA A 218 2.75 17.57 6.02
C ALA A 218 4.16 18.08 5.71
N ILE A 219 5.15 17.66 6.49
CA ILE A 219 6.54 17.90 6.08
C ILE A 219 6.87 16.74 5.15
N GLY A 220 7.00 17.03 3.86
CA GLY A 220 7.16 15.99 2.88
C GLY A 220 7.86 16.40 1.61
N TYR A 221 7.86 15.49 0.63
CA TYR A 221 8.52 15.75 -0.65
C TYR A 221 7.70 16.73 -1.48
N SER A 222 8.39 17.74 -2.01
CA SER A 222 7.75 18.84 -2.71
C SER A 222 6.73 18.39 -3.75
N GLY A 223 7.15 17.54 -4.70
CA GLY A 223 6.22 17.06 -5.74
C GLY A 223 5.02 16.33 -5.16
N ASP A 224 5.22 15.64 -4.04
CA ASP A 224 4.12 14.92 -3.41
C ASP A 224 3.00 15.88 -2.98
N ILE A 225 3.42 17.00 -2.39
CA ILE A 225 2.47 18.00 -1.93
C ILE A 225 1.72 18.63 -3.14
N TYR A 226 2.44 18.87 -4.25
CA TYR A 226 1.81 19.34 -5.49
C TYR A 226 0.78 18.35 -6.04
N GLN A 227 1.08 17.07 -5.93
CA GLN A 227 0.10 16.06 -6.35
C GLN A 227 -1.14 16.09 -5.47
N ALA A 228 -0.94 16.27 -4.18
CA ALA A 228 -2.04 16.37 -3.24
C ALA A 228 -2.92 17.56 -3.63
N LYS A 229 -2.27 18.68 -3.91
CA LYS A 229 -2.97 19.88 -4.38
C LYS A 229 -3.81 19.53 -5.62
N SER A 230 -3.18 18.88 -6.60
CA SER A 230 -3.89 18.51 -7.83
C SER A 230 -5.08 17.59 -7.57
N ARG A 231 -4.87 16.55 -6.76
CA ARG A 231 -5.96 15.65 -6.40
C ARG A 231 -7.09 16.42 -5.76
N ALA A 232 -6.73 17.38 -4.89
CA ALA A 232 -7.73 18.21 -4.23
C ALA A 232 -8.54 18.99 -5.25
N GLU A 233 -7.86 19.62 -6.19
CA GLU A 233 -8.55 20.40 -7.21
C GLU A 233 -9.47 19.54 -8.08
N GLU A 234 -9.00 18.36 -8.46
CA GLU A 234 -9.79 17.45 -9.29
C GLU A 234 -10.97 16.90 -8.49
N ALA A 235 -10.83 16.84 -7.19
CA ALA A 235 -11.88 16.32 -6.32
C ALA A 235 -13.01 17.33 -6.11
N LYS A 236 -12.77 18.59 -6.44
CA LYS A 236 -13.77 19.65 -6.19
C LYS A 236 -14.38 19.51 -4.79
N ASN A 237 -13.58 19.19 -3.80
CA ASN A 237 -14.10 18.97 -2.46
C ASN A 237 -13.65 20.10 -1.53
N LYS A 238 -13.26 21.20 -2.14
CA LYS A 238 -13.01 22.45 -1.43
C LYS A 238 -11.69 22.50 -0.65
N VAL A 239 -10.86 21.48 -0.78
CA VAL A 239 -9.59 21.49 -0.05
C VAL A 239 -8.51 22.24 -0.81
N THR A 240 -7.93 23.26 -0.17
CA THR A 240 -6.83 23.99 -0.78
C THR A 240 -5.50 23.56 -0.16
N VAL A 241 -4.56 23.09 -0.99
CA VAL A 241 -3.23 22.69 -0.52
C VAL A 241 -2.16 23.61 -1.12
N LYS A 242 -1.25 24.10 -0.29
CA LYS A 242 -0.13 24.90 -0.75
C LYS A 242 1.22 24.30 -0.30
N TYR A 243 2.29 24.66 -0.99
CA TYR A 243 3.63 24.24 -0.60
C TYR A 243 4.58 25.44 -0.47
N ASN A 244 5.35 25.49 0.61
CA ASN A 244 6.43 26.47 0.76
C ASN A 244 7.78 25.78 0.94
N ILE A 245 8.79 26.26 0.23
CA ILE A 245 10.17 26.07 0.61
C ILE A 245 10.40 27.18 1.62
N PRO A 246 10.57 26.83 2.90
CA PRO A 246 10.64 27.88 3.93
C PRO A 246 11.72 28.92 3.68
N LYS A 247 11.56 30.08 4.30
CA LYS A 247 12.49 31.19 4.14
C LYS A 247 13.91 30.83 4.56
N GLU A 248 14.05 29.92 5.52
CA GLU A 248 15.39 29.56 6.00
C GLU A 248 16.14 28.58 5.07
N GLY A 249 15.47 28.04 4.07
CA GLY A 249 16.05 26.99 3.24
C GLY A 249 15.46 25.62 3.52
N ALA A 250 16.00 24.59 2.87
CA ALA A 250 15.45 23.24 2.99
C ALA A 250 16.44 22.24 2.39
N GLY A 251 16.24 20.96 2.70
CA GLY A 251 17.04 19.90 2.08
C GLY A 251 16.50 19.60 0.69
N SER A 252 17.38 19.14 -0.19
CA SER A 252 17.00 18.77 -1.55
C SER A 252 17.55 17.36 -1.83
N PHE A 253 16.68 16.47 -2.30
CA PHE A 253 17.05 15.11 -2.60
C PHE A 253 17.15 14.96 -4.12
N PHE A 254 18.01 14.05 -4.56
CA PHE A 254 18.16 13.75 -6.00
C PHE A 254 18.08 12.24 -6.23
N ASP A 255 17.07 11.84 -6.98
CA ASP A 255 16.85 10.43 -7.26
C ASP A 255 17.53 10.00 -8.56
N MET A 256 18.14 8.81 -8.52
CA MET A 256 19.05 8.34 -9.57
C MET A 256 18.65 6.96 -10.05
N VAL A 257 18.63 6.77 -11.37
CA VAL A 257 18.31 5.46 -11.95
C VAL A 257 19.61 4.68 -12.13
N ALA A 258 19.61 3.42 -11.68
CA ALA A 258 20.83 2.63 -11.70
C ALA A 258 20.47 1.17 -11.95
N ILE A 259 21.48 0.36 -12.20
CA ILE A 259 21.28 -1.06 -12.59
C ILE A 259 22.06 -1.98 -11.69
N PRO A 260 21.37 -2.80 -10.89
CA PRO A 260 22.04 -3.75 -10.00
C PRO A 260 22.99 -4.66 -10.80
N LYS A 261 24.12 -5.00 -10.22
CA LYS A 261 25.13 -5.82 -10.91
C LYS A 261 24.56 -7.14 -11.40
N ASP A 262 23.62 -7.70 -10.65
CA ASP A 262 23.10 -9.02 -10.99
C ASP A 262 21.81 -8.93 -11.80
N ALA A 263 21.58 -7.80 -12.47
CA ALA A 263 20.38 -7.64 -13.28
C ALA A 263 20.24 -8.75 -14.33
N GLU A 264 19.09 -9.40 -14.36
CA GLU A 264 18.84 -10.48 -15.27
C GLU A 264 18.77 -10.00 -16.69
N ASN A 265 18.40 -8.75 -16.89
CA ASN A 265 18.24 -8.26 -18.24
C ASN A 265 18.99 -6.98 -17.93
N THR A 266 19.93 -6.58 -18.75
CA THR A 266 20.77 -5.40 -18.56
C THR A 266 20.49 -4.69 -19.87
N GLU A 267 20.41 -5.42 -20.95
CA GLU A 267 20.15 -4.78 -22.25
C GLU A 267 18.83 -4.00 -22.19
N GLY A 268 17.79 -4.62 -21.66
CA GLY A 268 16.50 -3.97 -21.50
C GLY A 268 16.54 -2.82 -20.50
N ALA A 269 17.33 -2.98 -19.43
CA ALA A 269 17.46 -1.94 -18.44
C ALA A 269 18.10 -0.70 -19.06
N LEU A 270 19.09 -0.93 -19.93
CA LEU A 270 19.74 0.19 -20.58
C LEU A 270 18.79 0.86 -21.56
N ALA A 271 17.95 0.05 -22.22
CA ALA A 271 16.92 0.60 -23.12
C ALA A 271 15.96 1.51 -22.35
N PHE A 272 15.56 1.07 -21.15
CA PHE A 272 14.62 1.81 -20.30
C PHE A 272 15.27 3.13 -19.86
N VAL A 273 16.53 3.07 -19.47
CA VAL A 273 17.23 4.27 -19.01
C VAL A 273 17.34 5.26 -20.16
N ASN A 274 17.57 4.73 -21.38
CA ASN A 274 17.66 5.60 -22.56
C ASN A 274 16.30 6.21 -22.90
N PHE A 275 15.25 5.41 -22.76
CA PHE A 275 13.90 5.85 -23.05
C PHE A 275 13.49 6.97 -22.12
N LEU A 276 13.95 6.90 -20.86
CA LEU A 276 13.66 7.96 -19.89
C LEU A 276 14.36 9.27 -20.21
N MET A 277 15.41 9.24 -21.02
CA MET A 277 16.08 10.49 -21.40
C MET A 277 15.54 11.16 -22.69
N LYS A 278 14.50 10.57 -23.27
CA LYS A 278 13.77 11.26 -24.33
C LYS A 278 13.06 12.49 -23.75
N PRO A 279 13.24 13.66 -24.38
CA PRO A 279 12.72 14.93 -23.83
C PRO A 279 11.23 14.89 -23.48
N GLU A 280 10.40 14.40 -24.40
CA GLU A 280 8.97 14.46 -24.16
C GLU A 280 8.54 13.44 -23.11
N ILE A 281 9.29 12.35 -22.98
CA ILE A 281 8.96 11.33 -21.99
C ILE A 281 9.22 11.89 -20.60
N MET A 282 10.41 12.44 -20.40
CA MET A 282 10.76 12.99 -19.09
C MET A 282 9.85 14.19 -18.73
N ALA A 283 9.54 15.05 -19.71
CA ALA A 283 8.71 16.21 -19.42
C ALA A 283 7.29 15.80 -19.03
N GLU A 284 6.77 14.79 -19.69
CA GLU A 284 5.42 14.30 -19.37
C GLU A 284 5.36 13.84 -17.92
N ILE A 285 6.41 13.14 -17.51
CA ILE A 285 6.51 12.68 -16.12
C ILE A 285 6.48 13.88 -15.19
N THR A 286 7.31 14.88 -15.44
CA THR A 286 7.37 16.05 -14.56
C THR A 286 6.01 16.76 -14.47
N ASP A 287 5.30 16.84 -15.59
CA ASP A 287 3.97 17.43 -15.63
C ASP A 287 3.02 16.73 -14.65
N VAL A 288 3.06 15.40 -14.64
CA VAL A 288 2.18 14.63 -13.77
C VAL A 288 2.63 14.67 -12.29
N VAL A 289 3.90 14.37 -12.02
CA VAL A 289 4.28 14.20 -10.62
C VAL A 289 4.89 15.46 -9.98
N GLN A 290 5.19 16.46 -10.81
CA GLN A 290 5.50 17.82 -10.34
C GLN A 290 6.77 17.94 -9.48
N PHE A 291 7.76 17.13 -9.84
CA PHE A 291 9.14 17.26 -9.42
C PHE A 291 9.96 17.66 -10.68
N PRO A 292 10.94 18.58 -10.54
CA PRO A 292 11.79 18.85 -11.71
C PRO A 292 12.65 17.64 -12.08
N ASN A 293 13.07 17.55 -13.34
CA ASN A 293 13.87 16.41 -13.78
C ASN A 293 15.32 16.81 -14.05
N GLY A 294 16.15 15.88 -14.48
CA GLY A 294 17.59 16.17 -14.70
C GLY A 294 17.93 16.35 -16.17
N ASN A 295 16.91 16.64 -16.97
CA ASN A 295 16.98 16.63 -18.42
C ASN A 295 16.82 18.06 -18.99
N ALA A 296 17.93 18.67 -19.42
CA ALA A 296 17.87 20.01 -20.04
C ALA A 296 17.01 20.04 -21.31
N ALA A 297 17.03 18.97 -22.09
CA ALA A 297 16.24 18.96 -23.32
C ALA A 297 14.74 18.88 -23.02
N ALA A 298 14.40 18.40 -21.83
CA ALA A 298 12.99 18.21 -21.47
C ALA A 298 12.31 19.49 -20.96
N THR A 299 13.10 20.39 -20.37
CA THR A 299 12.51 21.57 -19.73
C THR A 299 11.54 22.32 -20.63
N PRO A 300 11.95 22.62 -21.87
CA PRO A 300 11.04 23.35 -22.75
C PRO A 300 9.72 22.65 -23.01
N LEU A 301 9.66 21.33 -22.82
CA LEU A 301 8.46 20.56 -23.11
C LEU A 301 7.57 20.36 -21.86
N VAL A 302 7.99 20.94 -20.74
CA VAL A 302 7.20 20.92 -19.52
C VAL A 302 6.16 22.06 -19.56
N SER A 303 4.93 21.76 -19.14
CA SER A 303 3.85 22.79 -19.03
C SER A 303 4.35 24.02 -18.32
N GLU A 304 3.98 25.20 -18.80
CA GLU A 304 4.50 26.42 -18.21
C GLU A 304 4.06 26.67 -16.77
N ALA A 305 2.87 26.23 -16.38
CA ALA A 305 2.46 26.41 -14.99
C ALA A 305 3.33 25.57 -14.05
N ILE A 306 3.91 24.49 -14.57
CA ILE A 306 4.82 23.68 -13.75
C ILE A 306 6.26 24.22 -13.79
N ARG A 307 6.75 24.46 -15.00
CA ARG A 307 8.10 24.93 -15.17
C ARG A 307 8.30 26.28 -14.46
N ASN A 308 7.25 27.09 -14.44
CA ASN A 308 7.38 28.45 -13.90
C ASN A 308 7.08 28.53 -12.40
N ASP A 309 6.77 27.40 -11.78
CA ASP A 309 6.39 27.38 -10.36
C ASP A 309 7.62 27.32 -9.44
N PRO A 310 7.79 28.34 -8.56
CA PRO A 310 9.01 28.38 -7.74
C PRO A 310 9.13 27.22 -6.73
N GLY A 311 8.04 26.50 -6.49
CA GLY A 311 8.10 25.33 -5.60
C GLY A 311 8.54 24.07 -6.34
N ILE A 312 8.70 24.19 -7.66
CA ILE A 312 9.12 23.06 -8.50
C ILE A 312 10.49 23.32 -9.15
N TYR A 313 10.56 24.39 -9.97
CA TYR A 313 11.82 24.86 -10.51
C TYR A 313 12.24 26.17 -9.81
N PRO A 314 13.00 26.07 -8.71
CA PRO A 314 13.32 27.26 -7.90
C PRO A 314 14.30 28.25 -8.56
N SER A 315 14.18 29.52 -8.20
CA SER A 315 15.10 30.55 -8.70
C SER A 315 16.50 30.29 -8.17
N GLU A 316 17.49 30.93 -8.79
CA GLU A 316 18.89 30.86 -8.34
C GLU A 316 19.05 31.26 -6.87
N GLU A 317 18.34 32.29 -6.43
CA GLU A 317 18.45 32.73 -5.04
C GLU A 317 17.95 31.67 -4.05
N VAL A 318 16.84 31.00 -4.37
CA VAL A 318 16.37 29.94 -3.50
C VAL A 318 17.33 28.75 -3.55
N MET A 319 17.78 28.39 -4.75
CA MET A 319 18.75 27.31 -4.89
C MET A 319 19.92 27.45 -3.90
N LYS A 320 20.39 28.67 -3.70
CA LYS A 320 21.54 28.89 -2.81
C LYS A 320 21.22 28.54 -1.38
N LYS A 321 19.95 28.47 -1.03
CA LYS A 321 19.56 28.18 0.33
C LYS A 321 19.23 26.71 0.51
N LEU A 322 19.41 25.92 -0.54
CA LEU A 322 19.12 24.49 -0.43
C LEU A 322 20.40 23.73 -0.07
N TYR A 323 20.25 22.67 0.71
CA TYR A 323 21.37 21.79 0.99
C TYR A 323 21.05 20.38 0.50
N THR A 324 22.09 19.61 0.27
CA THR A 324 21.92 18.22 -0.14
C THR A 324 22.06 17.28 1.06
N PHE A 325 21.65 16.04 0.87
CA PHE A 325 21.84 15.04 1.90
C PHE A 325 23.14 14.25 1.66
N PRO A 326 23.95 14.09 2.72
CA PRO A 326 25.28 13.54 2.47
C PRO A 326 25.35 12.00 2.39
N ASP A 327 26.45 11.53 1.82
CA ASP A 327 26.90 10.13 1.96
C ASP A 327 27.29 9.95 3.43
N LEU A 328 26.46 9.22 4.18
CA LEU A 328 26.60 9.15 5.64
C LEU A 328 27.63 8.14 6.14
N PRO A 329 28.49 8.58 7.07
CA PRO A 329 29.29 7.60 7.81
C PRO A 329 28.34 6.68 8.56
N ALA A 330 28.71 5.39 8.67
CA ALA A 330 27.88 4.39 9.36
C ALA A 330 27.51 4.78 10.79
N LYS A 331 28.45 5.35 11.52
CA LYS A 331 28.16 5.72 12.90
C LYS A 331 27.06 6.77 12.98
N THR A 332 27.01 7.68 12.00
CA THR A 332 25.97 8.71 11.97
C THR A 332 24.63 8.09 11.62
N GLN A 333 24.62 7.26 10.59
CA GLN A 333 23.41 6.52 10.20
C GLN A 333 22.86 5.75 11.39
N ARG A 334 23.74 5.10 12.14
CA ARG A 334 23.32 4.25 13.28
C ARG A 334 22.73 5.13 14.37
N ALA A 335 23.38 6.24 14.65
CA ALA A 335 22.85 7.19 15.62
C ALA A 335 21.47 7.73 15.20
N MET A 336 21.34 8.08 13.91
CA MET A 336 20.06 8.58 13.39
C MET A 336 18.97 7.54 13.48
N THR A 337 19.30 6.29 13.22
CA THR A 337 18.32 5.22 13.27
C THR A 337 17.85 5.06 14.71
N ARG A 338 18.79 5.06 15.63
CA ARG A 338 18.45 4.87 17.02
C ARG A 338 17.55 6.01 17.52
N SER A 339 17.89 7.24 17.18
CA SER A 339 17.05 8.39 17.51
C SER A 339 15.67 8.27 16.89
N TRP A 340 15.60 7.76 15.66
CA TRP A 340 14.34 7.74 14.95
C TRP A 340 13.37 6.72 15.55
N THR A 341 13.89 5.57 15.97
CA THR A 341 13.10 4.57 16.67
C THR A 341 12.51 5.18 17.95
N LYS A 342 13.35 5.87 18.70
CA LYS A 342 12.92 6.51 19.94
C LYS A 342 11.84 7.58 19.67
N ILE A 343 12.09 8.41 18.64
CA ILE A 343 11.17 9.47 18.27
C ILE A 343 9.83 8.93 17.80
N LYS A 344 9.84 7.98 16.88
CA LYS A 344 8.59 7.47 16.37
C LYS A 344 7.73 6.87 17.48
N SER A 345 8.36 6.14 18.39
CA SER A 345 7.58 5.46 19.43
C SER A 345 6.99 6.47 20.40
N GLY A 346 5.83 6.17 20.96
CA GLY A 346 5.39 6.97 22.10
C GLY A 346 6.57 7.20 23.04
N ASP B 6 -33.44 -27.35 -16.31
CA ASP B 6 -33.71 -25.99 -16.87
C ASP B 6 -32.43 -25.16 -16.88
N ASN B 7 -31.82 -25.06 -18.06
CA ASN B 7 -30.59 -24.31 -18.18
C ASN B 7 -30.84 -22.80 -18.04
N LYS B 8 -32.07 -22.41 -17.74
CA LYS B 8 -32.35 -20.97 -17.61
C LYS B 8 -32.39 -20.46 -16.17
N VAL B 9 -32.03 -21.33 -15.23
CA VAL B 9 -31.96 -20.93 -13.81
C VAL B 9 -30.57 -21.31 -13.28
N LEU B 10 -29.99 -20.44 -12.46
CA LEU B 10 -28.66 -20.72 -11.93
C LEU B 10 -28.64 -20.48 -10.44
N HIS B 11 -28.12 -21.44 -9.70
CA HIS B 11 -28.02 -21.31 -8.24
C HIS B 11 -26.58 -21.00 -7.83
N VAL B 12 -26.40 -19.82 -7.25
CA VAL B 12 -25.09 -19.31 -6.88
C VAL B 12 -25.02 -19.12 -5.37
N TYR B 13 -23.93 -19.58 -4.77
CA TYR B 13 -23.72 -19.40 -3.34
C TYR B 13 -22.41 -18.63 -3.23
N ASN B 14 -22.45 -17.46 -2.60
CA ASN B 14 -21.27 -16.59 -2.56
C ASN B 14 -21.16 -15.92 -1.20
N TRP B 15 -19.98 -15.38 -0.90
CA TRP B 15 -19.81 -14.53 0.28
C TRP B 15 -20.81 -13.38 0.20
N SER B 16 -21.35 -12.98 1.34
CA SER B 16 -22.19 -11.78 1.41
C SER B 16 -21.33 -10.56 1.06
N ASP B 17 -21.96 -9.48 0.59
CA ASP B 17 -21.21 -8.25 0.31
C ASP B 17 -19.96 -8.49 -0.53
N TYR B 18 -20.14 -9.08 -1.71
CA TYR B 18 -18.98 -9.53 -2.51
C TYR B 18 -19.39 -9.63 -3.96
N ILE B 19 -20.20 -8.67 -4.40
CA ILE B 19 -20.65 -8.57 -5.79
C ILE B 19 -21.21 -7.16 -5.97
N ALA B 20 -21.34 -6.71 -7.21
CA ALA B 20 -21.96 -5.40 -7.46
C ALA B 20 -23.47 -5.58 -7.51
N PRO B 21 -24.24 -4.53 -7.18
CA PRO B 21 -25.70 -4.68 -7.12
C PRO B 21 -26.32 -4.96 -8.50
N ASP B 22 -25.58 -4.75 -9.58
CA ASP B 22 -26.16 -4.93 -10.91
C ASP B 22 -25.54 -6.08 -11.68
N THR B 23 -24.52 -6.71 -11.10
CA THR B 23 -23.85 -7.81 -11.77
C THR B 23 -24.82 -8.87 -12.26
N LEU B 24 -25.70 -9.34 -11.39
CA LEU B 24 -26.62 -10.41 -11.75
C LEU B 24 -27.60 -9.95 -12.84
N GLU B 25 -28.20 -8.78 -12.62
CA GLU B 25 -29.06 -8.15 -13.63
C GLU B 25 -28.39 -8.16 -15.00
N LYS B 26 -27.12 -7.77 -15.05
CA LYS B 26 -26.41 -7.73 -16.33
C LYS B 26 -26.24 -9.13 -16.90
N PHE B 27 -25.94 -10.10 -16.03
CA PHE B 27 -25.74 -11.47 -16.50
C PHE B 27 -27.01 -12.00 -17.14
N THR B 28 -28.13 -11.86 -16.43
CA THR B 28 -29.41 -12.36 -16.90
C THR B 28 -29.85 -11.67 -18.20
N LYS B 29 -29.51 -10.39 -18.34
CA LYS B 29 -29.84 -9.65 -19.54
C LYS B 29 -29.08 -10.16 -20.75
N GLU B 30 -27.79 -10.43 -20.56
CA GLU B 30 -26.95 -10.95 -21.64
C GLU B 30 -27.23 -12.41 -22.00
N THR B 31 -27.61 -13.22 -21.02
CA THR B 31 -27.69 -14.66 -21.22
C THR B 31 -29.11 -15.24 -21.15
N GLY B 32 -30.03 -14.53 -20.51
CA GLY B 32 -31.37 -15.06 -20.28
C GLY B 32 -31.49 -15.94 -19.04
N ILE B 33 -30.36 -16.27 -18.43
CA ILE B 33 -30.35 -17.17 -17.28
C ILE B 33 -30.64 -16.40 -16.00
N LYS B 34 -31.71 -16.77 -15.30
CA LYS B 34 -32.09 -16.11 -14.06
C LYS B 34 -31.24 -16.71 -12.93
N VAL B 35 -30.90 -15.88 -11.94
CA VAL B 35 -30.04 -16.32 -10.85
C VAL B 35 -30.74 -16.30 -9.49
N VAL B 36 -30.63 -17.43 -8.79
CA VAL B 36 -30.97 -17.52 -7.38
C VAL B 36 -29.65 -17.38 -6.63
N TYR B 37 -29.56 -16.36 -5.79
CA TYR B 37 -28.28 -15.92 -5.19
C TYR B 37 -28.36 -15.96 -3.67
N ASP B 38 -27.68 -16.93 -3.07
CA ASP B 38 -27.64 -17.08 -1.62
C ASP B 38 -26.23 -16.70 -1.17
N VAL B 39 -26.08 -16.37 0.12
CA VAL B 39 -24.81 -15.90 0.63
C VAL B 39 -24.45 -16.58 1.97
N TYR B 40 -23.15 -16.58 2.28
CA TYR B 40 -22.62 -17.11 3.54
C TYR B 40 -21.51 -16.17 3.95
N ASP B 41 -21.03 -16.28 5.19
CA ASP B 41 -19.91 -15.46 5.65
C ASP B 41 -18.81 -16.33 6.26
N SER B 42 -18.89 -17.62 5.98
CA SER B 42 -17.90 -18.55 6.52
C SER B 42 -17.62 -19.72 5.61
N ASN B 43 -16.34 -20.06 5.48
CA ASN B 43 -15.91 -21.24 4.75
C ASN B 43 -16.38 -22.54 5.37
N GLU B 44 -16.47 -22.56 6.71
CA GLU B 44 -16.90 -23.76 7.42
C GLU B 44 -18.31 -24.13 6.99
N VAL B 45 -19.21 -23.14 6.98
CA VAL B 45 -20.59 -23.34 6.52
C VAL B 45 -20.66 -23.89 5.09
N LEU B 46 -19.88 -23.29 4.20
CA LEU B 46 -19.86 -23.74 2.82
C LEU B 46 -19.30 -25.15 2.72
N GLU B 47 -18.20 -25.37 3.43
CA GLU B 47 -17.49 -26.64 3.41
C GLU B 47 -18.40 -27.81 3.83
N ALA B 48 -19.14 -27.64 4.91
CA ALA B 48 -20.00 -28.70 5.43
C ALA B 48 -21.11 -29.04 4.44
N LYS B 49 -21.65 -28.01 3.80
CA LYS B 49 -22.65 -28.18 2.75
C LYS B 49 -22.06 -28.97 1.60
N LEU B 50 -20.87 -28.58 1.16
CA LEU B 50 -20.25 -29.19 0.00
C LEU B 50 -19.84 -30.63 0.23
N LEU B 51 -19.20 -30.91 1.36
CA LEU B 51 -18.72 -32.25 1.62
C LEU B 51 -19.87 -33.26 1.78
N ALA B 52 -21.06 -32.80 2.16
CA ALA B 52 -22.22 -33.70 2.25
C ALA B 52 -22.70 -34.11 0.86
N GLY B 53 -22.32 -33.35 -0.16
CA GLY B 53 -22.80 -33.60 -1.54
C GLY B 53 -24.20 -33.08 -1.80
N LYS B 54 -24.62 -33.06 -3.05
CA LYS B 54 -25.94 -32.58 -3.43
C LYS B 54 -26.29 -31.24 -2.76
N SER B 55 -25.49 -30.21 -3.04
CA SER B 55 -25.61 -28.94 -2.32
C SER B 55 -26.75 -28.11 -2.86
N GLY B 56 -27.14 -28.38 -4.10
CA GLY B 56 -28.19 -27.60 -4.77
C GLY B 56 -27.68 -26.30 -5.36
N TYR B 57 -26.35 -26.17 -5.49
CA TYR B 57 -25.72 -24.99 -6.06
C TYR B 57 -24.86 -25.33 -7.26
N ASP B 58 -24.93 -24.46 -8.26
CA ASP B 58 -24.25 -24.60 -9.53
C ASP B 58 -22.89 -23.87 -9.53
N VAL B 59 -22.76 -22.85 -8.66
CA VAL B 59 -21.50 -22.11 -8.53
C VAL B 59 -21.30 -21.73 -7.06
N VAL B 60 -20.10 -21.93 -6.55
CA VAL B 60 -19.77 -21.60 -5.15
C VAL B 60 -18.40 -20.92 -5.16
N VAL B 61 -18.06 -20.23 -4.06
CA VAL B 61 -16.85 -19.42 -4.03
C VAL B 61 -16.06 -19.65 -2.73
N PRO B 62 -15.39 -20.81 -2.59
CA PRO B 62 -14.59 -21.06 -1.41
C PRO B 62 -13.29 -20.27 -1.43
N SER B 63 -12.73 -20.01 -0.26
CA SER B 63 -11.35 -19.51 -0.15
C SER B 63 -10.35 -20.60 -0.55
N ASN B 64 -9.24 -20.17 -1.14
CA ASN B 64 -8.20 -21.11 -1.60
C ASN B 64 -7.73 -22.05 -0.48
N SER B 65 -7.66 -21.53 0.75
CA SER B 65 -7.25 -22.38 1.87
C SER B 65 -8.19 -23.58 2.06
N PHE B 66 -9.44 -23.48 1.59
CA PHE B 66 -10.42 -24.58 1.74
C PHE B 66 -10.63 -25.35 0.42
N LEU B 67 -10.34 -24.68 -0.70
CA LEU B 67 -10.49 -25.25 -2.02
C LEU B 67 -9.69 -26.54 -2.22
N ALA B 68 -8.44 -26.54 -1.73
CA ALA B 68 -7.53 -27.67 -2.00
C ALA B 68 -8.11 -28.98 -1.48
N LYS B 69 -8.59 -28.95 -0.25
CA LYS B 69 -9.26 -30.07 0.40
C LYS B 69 -10.52 -30.49 -0.35
N GLN B 70 -11.30 -29.50 -0.79
CA GLN B 70 -12.52 -29.80 -1.53
C GLN B 70 -12.26 -30.49 -2.89
N ILE B 71 -11.26 -30.01 -3.64
CA ILE B 71 -10.89 -30.64 -4.89
C ILE B 71 -10.45 -32.11 -4.71
N LYS B 72 -9.60 -32.34 -3.71
CA LYS B 72 -9.14 -33.70 -3.42
C LYS B 72 -10.29 -34.58 -2.96
N ALA B 73 -11.33 -33.98 -2.38
CA ALA B 73 -12.52 -34.74 -2.00
C ALA B 73 -13.47 -35.04 -3.16
N GLY B 74 -13.11 -34.57 -4.35
CA GLY B 74 -13.96 -34.75 -5.54
C GLY B 74 -15.20 -33.87 -5.58
N VAL B 75 -15.16 -32.73 -4.89
CA VAL B 75 -16.32 -31.83 -4.85
C VAL B 75 -16.63 -31.14 -6.18
N TYR B 76 -15.58 -30.86 -6.95
CA TYR B 76 -15.73 -30.01 -8.13
C TYR B 76 -15.46 -30.75 -9.43
N GLN B 77 -16.13 -30.31 -10.48
CA GLN B 77 -15.80 -30.78 -11.82
C GLN B 77 -14.69 -29.93 -12.43
N LYS B 78 -13.89 -30.55 -13.29
CA LYS B 78 -12.90 -29.83 -14.08
C LYS B 78 -13.61 -28.80 -14.93
N LEU B 79 -13.05 -27.58 -15.01
CA LEU B 79 -13.62 -26.54 -15.87
C LEU B 79 -13.40 -26.85 -17.36
N ASP B 80 -14.46 -26.78 -18.14
CA ASP B 80 -14.36 -26.92 -19.59
C ASP B 80 -13.83 -25.60 -20.15
N LYS B 81 -12.51 -25.50 -20.30
CA LYS B 81 -11.91 -24.20 -20.63
C LYS B 81 -12.22 -23.69 -22.05
N SER B 82 -12.74 -24.58 -22.90
CA SER B 82 -13.24 -24.18 -24.22
C SER B 82 -14.52 -23.37 -24.10
N LYS B 83 -15.14 -23.39 -22.92
CA LYS B 83 -16.34 -22.59 -22.70
C LYS B 83 -16.02 -21.32 -21.94
N LEU B 84 -14.74 -21.06 -21.74
CA LEU B 84 -14.34 -19.88 -20.98
C LEU B 84 -13.30 -19.11 -21.76
N PRO B 85 -13.72 -18.43 -22.83
CA PRO B 85 -12.82 -17.66 -23.69
C PRO B 85 -12.18 -16.47 -22.95
N ASN B 86 -12.86 -15.95 -21.92
CA ASN B 86 -12.32 -14.82 -21.15
C ASN B 86 -11.19 -15.24 -20.20
N TRP B 87 -10.91 -16.53 -20.14
CA TRP B 87 -9.83 -17.06 -19.31
C TRP B 87 -8.56 -16.26 -19.54
N LYS B 88 -8.40 -15.75 -20.76
CA LYS B 88 -7.16 -15.06 -21.12
C LYS B 88 -6.94 -13.80 -20.29
N ASN B 89 -7.99 -13.32 -19.61
CA ASN B 89 -7.91 -12.08 -18.83
C ASN B 89 -7.34 -12.25 -17.42
N LEU B 90 -7.34 -13.49 -16.91
CA LEU B 90 -6.86 -13.74 -15.54
C LEU B 90 -5.36 -13.44 -15.36
N ASN B 91 -5.01 -12.92 -14.20
CA ASN B 91 -3.62 -12.64 -13.84
C ASN B 91 -2.81 -13.93 -13.80
N LYS B 92 -1.90 -14.10 -14.76
CA LYS B 92 -1.17 -15.35 -14.90
C LYS B 92 -0.20 -15.62 -13.76
N ASP B 93 0.35 -14.57 -13.18
CA ASP B 93 1.23 -14.72 -12.03
C ASP B 93 0.44 -15.26 -10.84
N LEU B 94 -0.76 -14.74 -10.65
CA LEU B 94 -1.65 -15.22 -9.60
C LEU B 94 -2.01 -16.66 -9.87
N MET B 95 -2.33 -16.98 -11.12
CA MET B 95 -2.68 -18.35 -11.48
C MET B 95 -1.58 -19.35 -11.09
N HIS B 96 -0.33 -18.96 -11.32
CA HIS B 96 0.77 -19.88 -11.06
C HIS B 96 0.89 -20.23 -9.58
N THR B 97 0.78 -19.22 -8.72
CA THR B 97 0.82 -19.48 -7.28
C THR B 97 -0.35 -20.39 -6.88
N LEU B 98 -1.53 -20.17 -7.48
CA LEU B 98 -2.72 -20.94 -7.14
C LEU B 98 -2.65 -22.41 -7.55
N GLU B 99 -1.72 -22.73 -8.44
CA GLU B 99 -1.52 -24.11 -8.90
C GLU B 99 -1.30 -25.11 -7.78
N VAL B 100 -0.64 -24.67 -6.71
CA VAL B 100 -0.41 -25.56 -5.57
C VAL B 100 -1.72 -26.17 -5.03
N SER B 101 -2.72 -25.32 -4.84
CA SER B 101 -4.02 -25.78 -4.39
C SER B 101 -4.81 -26.48 -5.50
N ASP B 102 -4.64 -26.03 -6.74
CA ASP B 102 -5.40 -26.54 -7.87
C ASP B 102 -4.48 -26.84 -9.06
N PRO B 103 -3.84 -28.01 -9.06
CA PRO B 103 -2.89 -28.32 -10.13
C PRO B 103 -3.43 -28.00 -11.53
N GLY B 104 -2.69 -27.21 -12.29
CA GLY B 104 -3.05 -26.88 -13.66
C GLY B 104 -4.27 -26.00 -13.76
N ASN B 105 -4.61 -25.32 -12.67
CA ASN B 105 -5.82 -24.51 -12.61
C ASN B 105 -7.06 -25.19 -13.21
N GLU B 106 -7.26 -26.46 -12.87
CA GLU B 106 -8.30 -27.25 -13.53
C GLU B 106 -9.73 -26.97 -13.03
N HIS B 107 -9.85 -26.49 -11.80
CA HIS B 107 -11.16 -26.42 -11.15
C HIS B 107 -11.73 -25.02 -10.87
N ALA B 108 -10.87 -24.01 -10.76
CA ALA B 108 -11.37 -22.73 -10.28
C ALA B 108 -10.65 -21.52 -10.86
N ILE B 109 -11.33 -20.37 -10.81
CA ILE B 109 -10.72 -19.11 -11.15
C ILE B 109 -10.66 -18.23 -9.91
N PRO B 110 -9.61 -17.39 -9.80
CA PRO B 110 -9.56 -16.44 -8.70
C PRO B 110 -10.57 -15.31 -8.91
N TYR B 111 -11.35 -15.03 -7.86
CA TYR B 111 -12.39 -14.02 -7.90
C TYR B 111 -11.82 -12.71 -7.36
N MET B 112 -11.74 -12.61 -6.03
CA MET B 112 -11.06 -11.48 -5.41
C MET B 112 -10.18 -11.99 -4.28
N TRP B 113 -9.29 -11.14 -3.79
CA TRP B 113 -8.50 -11.48 -2.62
C TRP B 113 -8.39 -10.29 -1.71
N GLY B 114 -7.79 -10.49 -0.54
CA GLY B 114 -7.57 -9.38 0.35
C GLY B 114 -6.78 -9.78 1.57
N THR B 115 -6.76 -8.87 2.55
CA THR B 115 -6.02 -9.07 3.78
C THR B 115 -7.00 -9.04 4.93
N ILE B 116 -6.51 -9.47 6.09
CA ILE B 116 -7.28 -9.44 7.32
C ILE B 116 -6.50 -8.53 8.26
N GLY B 117 -7.08 -7.37 8.53
CA GLY B 117 -6.35 -6.35 9.23
C GLY B 117 -7.23 -5.52 10.13
N ILE B 118 -6.81 -4.29 10.39
CA ILE B 118 -7.44 -3.46 11.40
C ILE B 118 -8.36 -2.40 10.80
N GLY B 119 -9.66 -2.56 10.98
CA GLY B 119 -10.62 -1.50 10.64
C GLY B 119 -10.86 -0.75 11.94
N TYR B 120 -10.93 0.58 11.87
CA TYR B 120 -11.18 1.35 13.08
C TYR B 120 -11.78 2.73 12.82
N ASN B 121 -12.40 3.28 13.86
CA ASN B 121 -12.96 4.62 13.86
C ASN B 121 -11.95 5.54 14.57
N PRO B 122 -11.22 6.37 13.80
CA PRO B 122 -10.14 7.19 14.37
C PRO B 122 -10.62 8.05 15.55
N ASP B 123 -11.77 8.70 15.39
CA ASP B 123 -12.29 9.58 16.46
C ASP B 123 -12.63 8.80 17.73
N LYS B 124 -13.43 7.74 17.60
CA LYS B 124 -13.76 6.91 18.77
C LYS B 124 -12.52 6.31 19.44
N VAL B 125 -11.57 5.84 18.64
CA VAL B 125 -10.33 5.29 19.20
C VAL B 125 -9.54 6.35 19.98
N LYS B 126 -9.47 7.57 19.43
CA LYS B 126 -8.77 8.66 20.08
C LYS B 126 -9.39 8.96 21.44
N ALA B 127 -10.70 9.08 21.48
CA ALA B 127 -11.41 9.37 22.74
C ALA B 127 -11.23 8.25 23.76
N ALA B 128 -11.20 7.00 23.28
CA ALA B 128 -11.09 5.87 24.18
C ALA B 128 -9.65 5.68 24.64
N PHE B 129 -8.72 5.71 23.69
CA PHE B 129 -7.34 5.32 23.99
C PHE B 129 -6.52 6.48 24.54
N GLY B 130 -6.85 7.69 24.13
CA GLY B 130 -6.01 8.83 24.40
C GLY B 130 -5.14 9.08 23.19
N ASP B 131 -4.03 9.77 23.39
CA ASP B 131 -3.19 10.09 22.26
C ASP B 131 -2.29 8.94 21.82
N ASN B 132 -1.93 8.93 20.55
CA ASN B 132 -0.88 8.04 20.15
C ASN B 132 -1.30 6.57 20.08
N ALA B 133 -2.57 6.30 19.81
CA ALA B 133 -3.01 4.91 19.72
C ALA B 133 -2.28 4.21 18.59
N PRO B 134 -1.79 2.98 18.84
CA PRO B 134 -1.04 2.25 17.82
C PRO B 134 -1.95 1.56 16.79
N VAL B 135 -2.60 2.34 15.95
CA VAL B 135 -3.57 1.80 14.99
C VAL B 135 -2.92 1.09 13.81
N ASP B 136 -1.61 1.26 13.66
CA ASP B 136 -0.87 0.61 12.58
C ASP B 136 -0.22 -0.70 13.06
N SER B 137 -0.63 -1.20 14.22
CA SER B 137 0.03 -2.34 14.84
C SER B 137 -0.97 -3.31 15.47
N TRP B 138 -0.65 -4.60 15.35
CA TRP B 138 -1.43 -5.61 16.04
C TRP B 138 -1.47 -5.35 17.57
N ASP B 139 -0.48 -4.63 18.10
CA ASP B 139 -0.46 -4.24 19.53
C ASP B 139 -1.78 -3.60 19.98
N LEU B 140 -2.51 -3.03 19.02
CA LEU B 140 -3.76 -2.35 19.34
C LEU B 140 -4.78 -3.29 19.99
N VAL B 141 -4.90 -4.50 19.46
CA VAL B 141 -5.89 -5.43 20.00
C VAL B 141 -5.28 -6.60 20.78
N PHE B 142 -4.02 -6.94 20.51
CA PHE B 142 -3.42 -8.12 21.16
C PHE B 142 -2.62 -7.82 22.41
N LYS B 143 -2.43 -6.55 22.72
CA LYS B 143 -1.84 -6.15 23.98
C LYS B 143 -3.00 -5.86 24.94
N PRO B 144 -3.23 -6.72 25.97
CA PRO B 144 -4.45 -6.55 26.76
C PRO B 144 -4.63 -5.16 27.36
N GLU B 145 -3.54 -4.53 27.81
CA GLU B 145 -3.66 -3.17 28.35
C GLU B 145 -4.22 -2.17 27.32
N ASN B 146 -3.94 -2.42 26.04
CA ASN B 146 -4.49 -1.57 24.97
C ASN B 146 -5.97 -1.80 24.74
N ILE B 147 -6.33 -3.06 24.55
CA ILE B 147 -7.70 -3.35 24.23
C ILE B 147 -8.63 -3.04 25.41
N GLN B 148 -8.12 -3.13 26.65
CA GLN B 148 -8.89 -2.70 27.83
C GLN B 148 -9.46 -1.29 27.62
N LYS B 149 -8.65 -0.39 27.07
CA LYS B 149 -9.12 0.97 26.78
C LYS B 149 -10.20 1.03 25.69
N LEU B 150 -10.24 0.04 24.80
CA LEU B 150 -11.24 0.04 23.72
C LEU B 150 -12.52 -0.73 24.06
N LYS B 151 -12.52 -1.37 25.22
CA LYS B 151 -13.67 -2.17 25.64
C LYS B 151 -14.94 -1.34 25.53
N GLN B 152 -14.83 -0.07 25.90
CA GLN B 152 -15.91 0.90 25.84
C GLN B 152 -16.59 0.96 24.45
N CYS B 153 -15.83 1.39 23.43
CA CYS B 153 -16.40 1.61 22.11
C CYS B 153 -16.64 0.35 21.24
N GLY B 154 -16.16 -0.81 21.70
CA GLY B 154 -16.45 -2.10 21.06
C GLY B 154 -15.42 -2.57 20.04
N VAL B 155 -14.89 -3.77 20.24
CA VAL B 155 -13.92 -4.40 19.33
C VAL B 155 -14.49 -5.75 18.87
N SER B 156 -14.49 -5.98 17.56
CA SER B 156 -14.92 -7.26 16.99
C SER B 156 -13.78 -7.98 16.28
N PHE B 157 -13.91 -9.30 16.23
CA PHE B 157 -13.04 -10.16 15.43
C PHE B 157 -13.91 -11.03 14.52
N LEU B 158 -13.38 -11.45 13.37
CA LEU B 158 -14.06 -12.44 12.53
C LEU B 158 -14.40 -13.73 13.31
N ASP B 159 -15.50 -14.40 12.96
CA ASP B 159 -15.76 -15.75 13.44
C ASP B 159 -15.12 -16.72 12.46
N SER B 160 -13.80 -16.75 12.47
CA SER B 160 -13.05 -17.60 11.53
C SER B 160 -11.77 -18.07 12.18
N PRO B 161 -11.81 -19.24 12.81
CA PRO B 161 -10.65 -19.68 13.56
C PRO B 161 -9.39 -19.89 12.70
N THR B 162 -9.55 -20.42 11.50
CA THR B 162 -8.36 -20.72 10.70
C THR B 162 -7.69 -19.47 10.19
N GLU B 163 -8.40 -18.34 10.24
CA GLU B 163 -7.79 -17.07 9.82
C GLU B 163 -7.38 -16.19 11.01
N ILE B 164 -8.12 -16.25 12.11
CA ILE B 164 -7.84 -15.39 13.26
C ILE B 164 -6.77 -15.97 14.20
N LEU B 165 -6.79 -17.27 14.45
CA LEU B 165 -5.79 -17.85 15.34
C LEU B 165 -4.37 -17.59 14.81
N PRO B 166 -4.17 -17.68 13.48
CA PRO B 166 -2.85 -17.33 12.93
C PRO B 166 -2.41 -15.90 13.24
N ALA B 167 -3.34 -14.95 13.30
CA ALA B 167 -2.98 -13.58 13.70
C ALA B 167 -2.45 -13.55 15.13
N ALA B 168 -3.13 -14.23 16.04
CA ALA B 168 -2.64 -14.35 17.41
C ALA B 168 -1.26 -15.00 17.41
N LEU B 169 -1.11 -16.12 16.70
CA LEU B 169 0.20 -16.79 16.58
C LEU B 169 1.26 -15.84 16.04
N HIS B 170 0.92 -15.13 14.96
CA HIS B 170 1.84 -14.21 14.32
C HIS B 170 2.28 -13.13 15.29
N TYR B 171 1.30 -12.54 15.99
CA TYR B 171 1.59 -11.54 16.99
C TYR B 171 2.55 -12.04 18.07
N LEU B 172 2.47 -13.33 18.38
CA LEU B 172 3.27 -13.88 19.47
C LEU B 172 4.65 -14.26 18.97
N GLY B 173 4.82 -14.18 17.66
CA GLY B 173 6.11 -14.44 17.06
C GLY B 173 6.31 -15.87 16.59
N TYR B 174 5.25 -16.65 16.59
CA TYR B 174 5.27 -17.99 16.04
C TYR B 174 4.93 -17.95 14.57
N LYS B 175 5.22 -19.03 13.86
CA LYS B 175 4.78 -19.17 12.48
C LYS B 175 3.26 -19.28 12.44
N PRO B 176 2.62 -18.52 11.52
CA PRO B 176 1.15 -18.49 11.48
C PRO B 176 0.55 -19.87 11.22
N ASP B 177 1.35 -20.77 10.65
CA ASP B 177 0.91 -22.13 10.34
C ASP B 177 1.41 -23.19 11.31
N THR B 178 2.04 -22.78 12.42
CA THR B 178 2.50 -23.76 13.44
C THR B 178 1.39 -24.68 13.94
N ASP B 179 1.67 -25.98 14.01
CA ASP B 179 0.77 -26.94 14.66
C ASP B 179 1.28 -27.37 16.04
N ASN B 180 2.24 -26.64 16.59
CA ASN B 180 2.73 -26.98 17.91
C ASN B 180 1.65 -26.66 18.94
N PRO B 181 1.15 -27.69 19.67
CA PRO B 181 0.09 -27.44 20.66
C PRO B 181 0.46 -26.44 21.76
N LYS B 182 1.75 -26.34 22.14
CA LYS B 182 2.14 -25.33 23.11
C LYS B 182 1.99 -23.91 22.55
N GLU B 183 2.21 -23.77 21.25
CA GLU B 183 2.08 -22.49 20.62
C GLU B 183 0.62 -22.15 20.39
N LEU B 184 -0.17 -23.13 19.93
CA LEU B 184 -1.60 -22.91 19.86
C LEU B 184 -2.19 -22.57 21.24
N LYS B 185 -1.63 -23.17 22.30
CA LYS B 185 -2.14 -22.93 23.64
C LYS B 185 -1.87 -21.48 24.04
N ALA B 186 -0.68 -21.00 23.72
CA ALA B 186 -0.31 -19.63 24.03
C ALA B 186 -1.24 -18.66 23.30
N ALA B 187 -1.60 -18.97 22.06
CA ALA B 187 -2.54 -18.13 21.32
C ALA B 187 -3.93 -18.15 21.96
N GLU B 188 -4.37 -19.31 22.39
CA GLU B 188 -5.64 -19.45 23.05
C GLU B 188 -5.67 -18.66 24.37
N GLU B 189 -4.61 -18.78 25.17
CA GLU B 189 -4.54 -18.01 26.41
C GLU B 189 -4.52 -16.49 26.17
N LEU B 190 -3.77 -16.06 25.16
CA LEU B 190 -3.77 -14.66 24.78
C LEU B 190 -5.18 -14.19 24.45
N PHE B 191 -5.89 -14.96 23.63
CA PHE B 191 -7.27 -14.61 23.27
C PHE B 191 -8.21 -14.56 24.46
N LEU B 192 -8.00 -15.46 25.41
CA LEU B 192 -8.79 -15.44 26.66
C LEU B 192 -8.46 -14.27 27.57
N LYS B 193 -7.20 -13.81 27.54
CA LYS B 193 -6.86 -12.57 28.24
C LYS B 193 -7.56 -11.33 27.66
N ILE B 194 -7.77 -11.29 26.34
CA ILE B 194 -8.39 -10.10 25.77
C ILE B 194 -9.89 -10.31 25.64
N ARG B 195 -10.34 -11.53 25.86
CA ARG B 195 -11.73 -11.87 25.55
C ARG B 195 -12.79 -11.02 26.25
N PRO B 196 -12.57 -10.66 27.54
CA PRO B 196 -13.59 -9.84 28.18
C PRO B 196 -13.75 -8.50 27.47
N TYR B 197 -12.77 -8.12 26.64
CA TYR B 197 -12.82 -6.81 26.00
C TYR B 197 -13.25 -6.86 24.53
N VAL B 198 -13.64 -8.04 24.06
CA VAL B 198 -14.12 -8.21 22.70
C VAL B 198 -15.64 -8.25 22.73
N THR B 199 -16.30 -7.42 21.92
CA THR B 199 -17.75 -7.40 21.93
C THR B 199 -18.34 -8.66 21.33
N TYR B 200 -17.82 -9.10 20.18
CA TYR B 200 -18.32 -10.33 19.58
C TYR B 200 -17.38 -10.87 18.50
N PHE B 201 -17.55 -12.15 18.19
CA PHE B 201 -16.88 -12.76 17.06
C PHE B 201 -17.95 -12.96 15.98
N HIS B 202 -17.81 -12.28 14.84
CA HIS B 202 -18.75 -12.41 13.73
C HIS B 202 -18.08 -12.00 12.44
N SER B 203 -18.42 -12.67 11.34
CA SER B 203 -17.71 -12.41 10.08
C SER B 203 -18.45 -11.50 9.13
N SER B 204 -19.53 -10.87 9.58
CA SER B 204 -20.25 -9.96 8.70
C SER B 204 -21.01 -8.79 9.39
N LYS B 205 -21.50 -9.01 10.60
CA LYS B 205 -22.23 -7.97 11.30
C LYS B 205 -21.36 -6.73 11.57
N TYR B 206 -20.04 -6.90 11.56
CA TYR B 206 -19.17 -5.79 11.89
C TYR B 206 -19.17 -4.66 10.84
N ILE B 207 -19.57 -4.96 9.61
CA ILE B 207 -19.62 -3.93 8.57
C ILE B 207 -20.63 -2.83 8.94
N SER B 208 -21.86 -3.23 9.25
CA SER B 208 -22.87 -2.28 9.70
C SER B 208 -22.49 -1.61 11.00
N ASP B 209 -22.04 -2.41 11.97
CA ASP B 209 -21.67 -1.86 13.27
C ASP B 209 -20.55 -0.83 13.15
N LEU B 210 -19.59 -1.10 12.27
CA LEU B 210 -18.48 -0.18 12.06
C LEU B 210 -18.99 1.09 11.40
N ALA B 211 -19.81 0.92 10.37
CA ALA B 211 -20.33 2.06 9.62
C ALA B 211 -21.24 2.97 10.46
N ASN B 212 -21.93 2.39 11.45
CA ASN B 212 -22.94 3.10 12.26
C ASN B 212 -22.37 3.68 13.55
N GLY B 213 -21.14 3.32 13.89
CA GLY B 213 -20.51 3.81 15.10
C GLY B 213 -20.76 2.90 16.28
N ASN B 214 -21.39 1.75 16.03
CA ASN B 214 -21.68 0.77 17.07
C ASN B 214 -20.41 0.15 17.66
N ILE B 215 -19.35 0.06 16.87
CA ILE B 215 -18.07 -0.42 17.36
C ILE B 215 -16.98 0.50 16.85
N CYS B 216 -15.80 0.43 17.45
CA CYS B 216 -14.73 1.36 17.07
C CYS B 216 -13.53 0.65 16.49
N VAL B 217 -13.45 -0.67 16.68
CA VAL B 217 -12.44 -1.49 16.01
C VAL B 217 -13.01 -2.84 15.55
N ALA B 218 -12.71 -3.21 14.29
CA ALA B 218 -13.07 -4.52 13.76
C ALA B 218 -11.86 -5.17 13.12
N ILE B 219 -11.49 -6.36 13.56
CA ILE B 219 -10.48 -7.12 12.84
C ILE B 219 -11.24 -7.94 11.82
N GLY B 220 -11.05 -7.62 10.54
CA GLY B 220 -11.90 -8.21 9.50
C GLY B 220 -11.29 -8.18 8.12
N TYR B 221 -12.06 -8.59 7.13
CA TYR B 221 -11.59 -8.59 5.74
C TYR B 221 -11.49 -7.16 5.18
N SER B 222 -10.35 -6.87 4.58
CA SER B 222 -10.06 -5.53 4.09
C SER B 222 -11.23 -4.85 3.39
N GLY B 223 -11.71 -5.47 2.31
CA GLY B 223 -12.78 -4.89 1.49
C GLY B 223 -14.01 -4.59 2.31
N ASP B 224 -14.27 -5.42 3.31
CA ASP B 224 -15.43 -5.23 4.16
C ASP B 224 -15.33 -3.88 4.90
N ILE B 225 -14.12 -3.57 5.38
CA ILE B 225 -13.86 -2.32 6.11
C ILE B 225 -14.06 -1.15 5.18
N TYR B 226 -13.53 -1.26 3.98
CA TYR B 226 -13.73 -0.20 2.99
C TYR B 226 -15.22 0.02 2.72
N GLN B 227 -16.01 -1.06 2.71
CA GLN B 227 -17.45 -0.92 2.53
C GLN B 227 -18.13 -0.19 3.69
N ALA B 228 -17.67 -0.46 4.91
CA ALA B 228 -18.13 0.32 6.06
C ALA B 228 -17.82 1.81 5.87
N LYS B 229 -16.60 2.11 5.42
CA LYS B 229 -16.17 3.49 5.17
C LYS B 229 -17.14 4.15 4.17
N SER B 230 -17.32 3.49 3.02
CA SER B 230 -18.23 4.00 1.98
C SER B 230 -19.66 4.22 2.49
N ARG B 231 -20.18 3.29 3.28
CA ARG B 231 -21.54 3.43 3.79
C ARG B 231 -21.64 4.63 4.73
N ALA B 232 -20.60 4.84 5.52
CA ALA B 232 -20.59 5.92 6.50
C ALA B 232 -20.54 7.26 5.78
N GLU B 233 -19.69 7.36 4.77
CA GLU B 233 -19.62 8.53 3.92
C GLU B 233 -20.94 8.81 3.19
N GLU B 234 -21.56 7.77 2.64
CA GLU B 234 -22.83 7.92 1.92
C GLU B 234 -23.95 8.37 2.84
N ALA B 235 -23.90 7.90 4.08
CA ALA B 235 -24.95 8.18 5.07
C ALA B 235 -24.79 9.57 5.65
N LYS B 236 -23.66 10.21 5.37
CA LYS B 236 -23.31 11.48 6.01
C LYS B 236 -23.65 11.46 7.49
N ASN B 237 -23.19 10.42 8.20
CA ASN B 237 -23.46 10.26 9.62
C ASN B 237 -22.30 10.72 10.51
N LYS B 238 -21.29 11.32 9.91
CA LYS B 238 -20.11 11.79 10.62
C LYS B 238 -19.24 10.68 11.25
N VAL B 239 -19.47 9.44 10.84
CA VAL B 239 -18.63 8.34 11.28
C VAL B 239 -17.48 8.17 10.28
N THR B 240 -16.25 8.21 10.81
CA THR B 240 -15.06 7.95 10.01
C THR B 240 -14.53 6.54 10.23
N VAL B 241 -14.26 5.85 9.13
CA VAL B 241 -13.75 4.50 9.17
C VAL B 241 -12.47 4.44 8.35
N LYS B 242 -11.39 3.94 8.96
CA LYS B 242 -10.14 3.71 8.23
C LYS B 242 -9.69 2.24 8.35
N TYR B 243 -8.82 1.82 7.44
CA TYR B 243 -8.26 0.46 7.44
C TYR B 243 -6.75 0.48 7.40
N ASN B 244 -6.12 -0.37 8.21
CA ASN B 244 -4.66 -0.53 8.15
C ASN B 244 -4.29 -2.01 8.05
N ILE B 245 -3.44 -2.34 7.08
CA ILE B 245 -2.68 -3.56 7.16
C ILE B 245 -1.58 -3.26 8.17
N PRO B 246 -1.56 -3.98 9.30
CA PRO B 246 -0.58 -3.56 10.32
C PRO B 246 0.89 -3.68 9.88
N LYS B 247 1.75 -2.89 10.51
CA LYS B 247 3.17 -2.85 10.17
C LYS B 247 3.88 -4.20 10.27
N GLU B 248 3.42 -5.09 11.17
CA GLU B 248 4.02 -6.42 11.30
C GLU B 248 3.59 -7.37 10.17
N GLY B 249 2.61 -6.97 9.36
CA GLY B 249 2.14 -7.86 8.31
C GLY B 249 0.76 -8.39 8.64
N ALA B 250 0.26 -9.29 7.79
CA ALA B 250 -1.10 -9.79 7.94
C ALA B 250 -1.33 -11.04 7.11
N GLY B 251 -2.44 -11.75 7.37
CA GLY B 251 -2.78 -12.90 6.54
C GLY B 251 -3.52 -12.39 5.33
N SER B 252 -3.39 -13.12 4.21
CA SER B 252 -4.14 -12.80 2.99
C SER B 252 -4.87 -14.05 2.48
N PHE B 253 -6.09 -13.84 2.00
CA PHE B 253 -7.00 -14.88 1.56
C PHE B 253 -7.32 -14.68 0.09
N PHE B 254 -7.61 -15.79 -0.61
CA PHE B 254 -7.87 -15.78 -2.03
C PHE B 254 -9.11 -16.57 -2.37
N ASP B 255 -10.18 -15.88 -2.76
CA ASP B 255 -11.44 -16.53 -2.99
C ASP B 255 -11.56 -17.01 -4.43
N MET B 256 -12.11 -18.21 -4.60
CA MET B 256 -12.08 -18.91 -5.91
C MET B 256 -13.48 -19.29 -6.36
N VAL B 257 -13.79 -19.06 -7.63
CA VAL B 257 -15.08 -19.52 -8.16
C VAL B 257 -14.92 -20.95 -8.69
N ALA B 258 -15.84 -21.84 -8.33
CA ALA B 258 -15.76 -23.23 -8.75
C ALA B 258 -17.15 -23.79 -9.02
N ILE B 259 -17.18 -24.97 -9.61
CA ILE B 259 -18.45 -25.57 -10.04
C ILE B 259 -18.58 -26.97 -9.49
N PRO B 260 -19.58 -27.20 -8.63
CA PRO B 260 -19.67 -28.52 -8.02
C PRO B 260 -19.88 -29.63 -9.07
N LYS B 261 -19.36 -30.83 -8.79
CA LYS B 261 -19.50 -31.93 -9.74
C LYS B 261 -20.93 -32.20 -10.13
N ASP B 262 -21.81 -32.22 -9.14
CA ASP B 262 -23.20 -32.55 -9.38
C ASP B 262 -24.04 -31.34 -9.75
N ALA B 263 -23.42 -30.30 -10.33
CA ALA B 263 -24.15 -29.11 -10.75
C ALA B 263 -25.28 -29.39 -11.74
N GLU B 264 -26.47 -28.93 -11.40
CA GLU B 264 -27.69 -28.93 -12.21
C GLU B 264 -27.55 -28.33 -13.59
N ASN B 265 -26.82 -27.25 -13.64
CA ASN B 265 -26.70 -26.48 -14.83
C ASN B 265 -25.26 -26.09 -15.11
N THR B 266 -24.48 -27.01 -15.57
CA THR B 266 -23.07 -26.78 -15.78
C THR B 266 -22.84 -25.73 -16.87
N GLU B 267 -23.60 -25.83 -17.93
CA GLU B 267 -23.51 -24.90 -19.05
C GLU B 267 -23.77 -23.46 -18.59
N GLY B 268 -24.83 -23.27 -17.82
CA GLY B 268 -25.13 -21.96 -17.23
C GLY B 268 -24.06 -21.53 -16.23
N ALA B 269 -23.54 -22.48 -15.46
CA ALA B 269 -22.45 -22.20 -14.53
C ALA B 269 -21.20 -21.69 -15.24
N LEU B 270 -20.81 -22.36 -16.32
CA LEU B 270 -19.65 -21.95 -17.10
C LEU B 270 -19.88 -20.58 -17.74
N ALA B 271 -21.12 -20.28 -18.12
CA ALA B 271 -21.45 -18.97 -18.70
C ALA B 271 -21.24 -17.87 -17.65
N PHE B 272 -21.69 -18.15 -16.42
CA PHE B 272 -21.52 -17.21 -15.32
C PHE B 272 -20.03 -16.99 -15.00
N VAL B 273 -19.28 -18.08 -14.90
CA VAL B 273 -17.83 -18.00 -14.66
C VAL B 273 -17.17 -17.19 -15.75
N ASN B 274 -17.54 -17.45 -17.00
CA ASN B 274 -16.98 -16.73 -18.14
C ASN B 274 -17.36 -15.24 -18.12
N PHE B 275 -18.62 -14.96 -17.78
CA PHE B 275 -19.13 -13.60 -17.65
C PHE B 275 -18.33 -12.81 -16.61
N LEU B 276 -17.99 -13.47 -15.50
CA LEU B 276 -17.31 -12.80 -14.40
C LEU B 276 -15.90 -12.40 -14.81
N MET B 277 -15.39 -13.02 -15.87
CA MET B 277 -14.08 -12.71 -16.36
C MET B 277 -14.09 -11.61 -17.42
N LYS B 278 -15.25 -11.00 -17.67
CA LYS B 278 -15.32 -9.79 -18.49
C LYS B 278 -14.71 -8.66 -17.68
N PRO B 279 -13.69 -8.00 -18.24
CA PRO B 279 -12.93 -6.96 -17.56
C PRO B 279 -13.80 -5.90 -16.88
N GLU B 280 -14.79 -5.38 -17.60
CA GLU B 280 -15.62 -4.32 -17.02
C GLU B 280 -16.50 -4.89 -15.91
N ILE B 281 -16.88 -6.16 -16.04
CA ILE B 281 -17.72 -6.76 -15.01
C ILE B 281 -16.90 -6.94 -13.73
N MET B 282 -15.68 -7.48 -13.84
CA MET B 282 -14.88 -7.73 -12.63
C MET B 282 -14.52 -6.39 -12.00
N ALA B 283 -14.14 -5.42 -12.84
CA ALA B 283 -13.74 -4.09 -12.36
C ALA B 283 -14.85 -3.33 -11.63
N GLU B 284 -16.08 -3.43 -12.11
CA GLU B 284 -17.20 -2.82 -11.45
C GLU B 284 -17.36 -3.40 -10.05
N ILE B 285 -17.18 -4.71 -9.94
CA ILE B 285 -17.32 -5.39 -8.66
C ILE B 285 -16.26 -4.90 -7.67
N THR B 286 -15.01 -4.86 -8.12
CA THR B 286 -13.95 -4.36 -7.27
C THR B 286 -14.24 -2.94 -6.81
N ASP B 287 -14.78 -2.13 -7.71
CA ASP B 287 -15.08 -0.74 -7.41
C ASP B 287 -16.10 -0.64 -6.28
N VAL B 288 -17.02 -1.60 -6.23
CA VAL B 288 -18.05 -1.58 -5.19
C VAL B 288 -17.62 -2.24 -3.86
N VAL B 289 -17.07 -3.43 -3.93
CA VAL B 289 -16.76 -4.14 -2.68
C VAL B 289 -15.34 -3.92 -2.17
N GLN B 290 -14.51 -3.34 -3.04
CA GLN B 290 -13.18 -2.85 -2.68
C GLN B 290 -12.16 -3.89 -2.17
N PHE B 291 -12.18 -5.06 -2.81
CA PHE B 291 -11.11 -6.07 -2.76
C PHE B 291 -10.50 -6.09 -4.16
N PRO B 292 -9.18 -6.28 -4.28
CA PRO B 292 -8.62 -6.44 -5.62
C PRO B 292 -9.07 -7.78 -6.18
N ASN B 293 -9.01 -7.94 -7.50
CA ASN B 293 -9.54 -9.12 -8.14
C ASN B 293 -8.42 -9.89 -8.84
N GLY B 294 -8.73 -11.03 -9.43
CA GLY B 294 -7.71 -11.83 -10.12
C GLY B 294 -7.60 -11.60 -11.62
N ASN B 295 -8.17 -10.49 -12.09
CA ASN B 295 -8.31 -10.23 -13.52
C ASN B 295 -7.34 -9.16 -13.96
N ALA B 296 -6.28 -9.56 -14.66
CA ALA B 296 -5.27 -8.61 -15.12
C ALA B 296 -5.85 -7.58 -16.09
N ALA B 297 -6.77 -8.02 -16.94
CA ALA B 297 -7.41 -7.13 -17.90
C ALA B 297 -8.28 -6.08 -17.19
N ALA B 298 -8.84 -6.44 -16.03
CA ALA B 298 -9.72 -5.52 -15.32
C ALA B 298 -9.00 -4.35 -14.61
N THR B 299 -7.72 -4.54 -14.28
CA THR B 299 -7.02 -3.59 -13.43
C THR B 299 -7.14 -2.13 -13.90
N PRO B 300 -6.75 -1.85 -15.16
CA PRO B 300 -6.81 -0.46 -15.64
C PRO B 300 -8.21 0.14 -15.53
N LEU B 301 -9.23 -0.70 -15.49
CA LEU B 301 -10.61 -0.23 -15.49
C LEU B 301 -11.11 0.13 -14.11
N VAL B 302 -10.36 -0.28 -13.10
CA VAL B 302 -10.72 -0.01 -11.71
C VAL B 302 -10.48 1.47 -11.39
N SER B 303 -11.39 2.10 -10.64
CA SER B 303 -11.28 3.54 -10.31
C SER B 303 -9.89 3.86 -9.80
N GLU B 304 -9.36 5.03 -10.17
CA GLU B 304 -7.98 5.36 -9.78
C GLU B 304 -7.80 5.54 -8.28
N ALA B 305 -8.85 5.92 -7.57
CA ALA B 305 -8.78 6.06 -6.12
C ALA B 305 -8.67 4.69 -5.45
N ILE B 306 -9.38 3.70 -5.99
CA ILE B 306 -9.30 2.34 -5.46
C ILE B 306 -7.99 1.68 -5.89
N ARG B 307 -7.68 1.78 -7.17
CA ARG B 307 -6.48 1.16 -7.73
C ARG B 307 -5.19 1.63 -7.06
N ASN B 308 -5.22 2.81 -6.43
CA ASN B 308 -4.02 3.36 -5.79
C ASN B 308 -4.04 3.32 -4.26
N ASP B 309 -5.09 2.75 -3.68
CA ASP B 309 -5.23 2.66 -2.24
C ASP B 309 -4.36 1.54 -1.67
N PRO B 310 -3.43 1.89 -0.77
CA PRO B 310 -2.50 0.89 -0.22
C PRO B 310 -3.20 -0.26 0.50
N GLY B 311 -4.43 -0.03 0.97
CA GLY B 311 -5.21 -1.03 1.67
C GLY B 311 -5.96 -1.96 0.75
N ILE B 312 -5.85 -1.73 -0.55
CA ILE B 312 -6.56 -2.56 -1.54
C ILE B 312 -5.56 -3.19 -2.51
N TYR B 313 -4.70 -2.36 -3.08
CA TYR B 313 -3.57 -2.86 -3.86
C TYR B 313 -2.27 -2.52 -3.13
N PRO B 314 -1.79 -3.44 -2.28
CA PRO B 314 -0.57 -3.11 -1.50
C PRO B 314 0.71 -3.09 -2.34
N SER B 315 1.67 -2.25 -1.94
CA SER B 315 2.98 -2.21 -2.58
C SER B 315 3.78 -3.46 -2.27
N GLU B 316 4.87 -3.65 -3.01
CA GLU B 316 5.73 -4.83 -2.85
C GLU B 316 6.18 -5.06 -1.40
N GLU B 317 6.62 -4.00 -0.72
CA GLU B 317 7.07 -4.14 0.67
C GLU B 317 6.00 -4.79 1.54
N VAL B 318 4.76 -4.31 1.43
CA VAL B 318 3.67 -4.86 2.24
C VAL B 318 3.32 -6.28 1.77
N MET B 319 3.30 -6.50 0.46
CA MET B 319 3.08 -7.84 -0.09
C MET B 319 4.02 -8.88 0.52
N LYS B 320 5.30 -8.54 0.69
CA LYS B 320 6.25 -9.50 1.25
C LYS B 320 6.00 -9.76 2.72
N LYS B 321 5.20 -8.92 3.38
CA LYS B 321 4.86 -9.16 4.79
C LYS B 321 3.50 -9.86 4.98
N LEU B 322 2.84 -10.18 3.88
CA LEU B 322 1.61 -10.95 3.93
C LEU B 322 1.93 -12.44 3.98
N TYR B 323 1.14 -13.21 4.71
CA TYR B 323 1.24 -14.68 4.64
C TYR B 323 -0.08 -15.24 4.12
N THR B 324 -0.06 -16.49 3.67
CA THR B 324 -1.29 -17.11 3.19
C THR B 324 -1.76 -18.18 4.17
N PHE B 325 -2.94 -18.72 3.95
CA PHE B 325 -3.48 -19.75 4.82
C PHE B 325 -3.36 -21.08 4.11
N PRO B 326 -2.80 -22.09 4.79
CA PRO B 326 -2.61 -23.34 4.10
C PRO B 326 -3.81 -24.29 4.19
N ASP B 327 -3.74 -25.34 3.39
CA ASP B 327 -4.64 -26.45 3.42
C ASP B 327 -4.32 -27.22 4.70
N LEU B 328 -5.13 -27.05 5.75
CA LEU B 328 -4.80 -27.59 7.07
C LEU B 328 -5.06 -29.09 7.23
N PRO B 329 -4.11 -29.81 7.82
CA PRO B 329 -4.45 -31.18 8.19
C PRO B 329 -5.59 -31.15 9.23
N ALA B 330 -6.45 -32.15 9.18
CA ALA B 330 -7.59 -32.23 10.09
C ALA B 330 -7.16 -32.08 11.56
N LYS B 331 -6.07 -32.70 11.94
CA LYS B 331 -5.72 -32.63 13.35
C LYS B 331 -5.53 -31.16 13.79
N THR B 332 -4.94 -30.34 12.93
CA THR B 332 -4.76 -28.93 13.24
C THR B 332 -6.10 -28.19 13.25
N GLN B 333 -6.94 -28.46 12.27
CA GLN B 333 -8.23 -27.77 12.20
C GLN B 333 -9.08 -28.14 13.40
N ARG B 334 -9.03 -29.41 13.81
CA ARG B 334 -9.70 -29.81 15.03
C ARG B 334 -9.17 -29.05 16.25
N ALA B 335 -7.85 -28.95 16.39
CA ALA B 335 -7.29 -28.27 17.56
C ALA B 335 -7.77 -26.81 17.58
N MET B 336 -7.77 -26.19 16.42
CA MET B 336 -8.23 -24.81 16.28
C MET B 336 -9.72 -24.70 16.58
N THR B 337 -10.50 -25.71 16.20
CA THR B 337 -11.94 -25.70 16.48
C THR B 337 -12.19 -25.77 17.98
N ARG B 338 -11.52 -26.71 18.64
CA ARG B 338 -11.58 -26.83 20.10
C ARG B 338 -11.23 -25.48 20.74
N SER B 339 -10.11 -24.88 20.35
CA SER B 339 -9.73 -23.59 20.94
C SER B 339 -10.76 -22.49 20.67
N TRP B 340 -11.27 -22.44 19.45
CA TRP B 340 -12.21 -21.39 19.06
C TRP B 340 -13.49 -21.42 19.90
N THR B 341 -14.04 -22.62 20.08
CA THR B 341 -15.20 -22.79 20.94
C THR B 341 -14.91 -22.24 22.35
N LYS B 342 -13.74 -22.58 22.89
CA LYS B 342 -13.37 -22.14 24.23
C LYS B 342 -13.20 -20.61 24.28
N ILE B 343 -12.61 -20.06 23.22
CA ILE B 343 -12.40 -18.63 23.09
C ILE B 343 -13.72 -17.90 23.04
N LYS B 344 -14.58 -18.31 22.11
CA LYS B 344 -15.90 -17.69 22.03
C LYS B 344 -16.73 -17.83 23.30
N SER B 345 -16.74 -19.02 23.89
CA SER B 345 -17.38 -19.18 25.20
C SER B 345 -16.71 -18.26 26.21
N GLY B 346 -17.49 -17.53 26.97
CA GLY B 346 -16.87 -16.79 28.06
C GLY B 346 -15.54 -17.29 28.65
#